data_7EME
#
_entry.id   7EME
#
_cell.length_a   51.756
_cell.length_b   106.229
_cell.length_c   139.916
_cell.angle_alpha   90.000
_cell.angle_beta   90.000
_cell.angle_gamma   90.000
#
_symmetry.space_group_name_H-M   'P 21 21 21'
#
loop_
_entity.id
_entity.type
_entity.pdbx_description
1 polymer 'NAD(P)/FAD-dependent oxidoreductase'
2 non-polymer 'FLAVIN-ADENINE DINUCLEOTIDE'
3 water water
#
_entity_poly.entity_id   1
_entity_poly.type   'polypeptide(L)'
_entity_poly.pdbx_seq_one_letter_code
;MKLSRSEFIKLGILTAAGISGLPGIKLSAQGTSSRKTVIVMGGGISGLYASYLLSKTGIKVQLIEATDRLGGRIRTVTDV
SGNFLDLGAEWIQAEHRTAKSLIRELGLKTTDFEVQSDLFFGSYRKFGTWDISPKSQEILNKLVQMNSKINSTQQQELDR
ISFYNFLNYQGMSLEDLNILNFKYSLYYGDSLRSLSAQKVLSDLVNFPKYNTRVEGGMETLTRALVSSLENTEIIFSDPV
VSVSQGEGKVIVTTVSGKKIEGNACISTLPANQLTTIQWDPELDKEKKLSALRIRYSRIYKTFLMLREAPWTRGSFSAYS
DSVAGFIYDAGTKINSEDKILGMISTGDRYDILASSTDAMKVEYIRLALESLGQGRELQVLRIQSSETSQSKFIPTGIAT
FPPGSYGSIISLLKPMDRIFFAGEHTAELNGTVEGALASAIRAVNQV
;
_entity_poly.pdbx_strand_id   A,B
#
# COMPACT_ATOMS: atom_id res chain seq x y z
N ARG A 35 -41.58 -8.37 -25.49
CA ARG A 35 -40.76 -8.07 -24.29
C ARG A 35 -39.50 -8.95 -24.33
N LYS A 36 -38.36 -8.37 -24.72
CA LYS A 36 -37.01 -8.99 -24.57
C LYS A 36 -36.73 -9.15 -23.07
N THR A 37 -35.86 -10.09 -22.67
CA THR A 37 -35.38 -10.22 -21.27
C THR A 37 -33.94 -9.75 -21.25
N VAL A 38 -33.59 -8.92 -20.29
CA VAL A 38 -32.19 -8.44 -20.09
C VAL A 38 -31.77 -8.95 -18.73
N ILE A 39 -30.60 -9.57 -18.68
CA ILE A 39 -30.04 -10.09 -17.42
C ILE A 39 -29.18 -8.96 -16.84
N VAL A 40 -29.39 -8.63 -15.57
CA VAL A 40 -28.47 -7.68 -14.88
C VAL A 40 -27.72 -8.45 -13.80
N MET A 41 -26.39 -8.46 -13.92
CA MET A 41 -25.52 -9.19 -12.98
C MET A 41 -25.01 -8.15 -11.97
N GLY A 42 -25.43 -8.33 -10.71
CA GLY A 42 -25.00 -7.56 -9.55
C GLY A 42 -26.09 -6.57 -9.17
N GLY A 43 -26.43 -6.48 -7.88
CA GLY A 43 -27.48 -5.56 -7.41
C GLY A 43 -26.94 -4.48 -6.49
N GLY A 44 -25.79 -3.90 -6.86
CA GLY A 44 -25.34 -2.63 -6.28
C GLY A 44 -26.05 -1.52 -7.03
N ILE A 45 -25.68 -0.29 -6.80
CA ILE A 45 -26.48 0.83 -7.35
C ILE A 45 -26.40 0.83 -8.88
N SER A 46 -25.29 0.40 -9.49
CA SER A 46 -25.27 0.39 -10.98
C SER A 46 -26.27 -0.66 -11.47
N GLY A 47 -26.34 -1.83 -10.83
CA GLY A 47 -27.28 -2.91 -11.27
C GLY A 47 -28.73 -2.51 -11.01
N LEU A 48 -28.99 -1.89 -9.88
CA LEU A 48 -30.35 -1.45 -9.55
C LEU A 48 -30.77 -0.33 -10.50
N TYR A 49 -29.90 0.60 -10.82
CA TYR A 49 -30.31 1.69 -11.75
C TYR A 49 -30.52 1.10 -13.15
N ALA A 50 -29.66 0.20 -13.62
CA ALA A 50 -29.87 -0.46 -14.93
C ALA A 50 -31.24 -1.14 -14.94
N SER A 51 -31.54 -1.86 -13.86
CA SER A 51 -32.82 -2.60 -13.71
C SER A 51 -34.02 -1.63 -13.77
N TYR A 52 -33.90 -0.50 -13.09
CA TYR A 52 -34.92 0.56 -13.05
C TYR A 52 -35.13 1.10 -14.46
N LEU A 53 -34.04 1.47 -15.13
CA LEU A 53 -34.12 2.05 -16.48
C LEU A 53 -34.79 1.08 -17.45
N LEU A 54 -34.41 -0.18 -17.39
CA LEU A 54 -34.95 -1.19 -18.33
C LEU A 54 -36.43 -1.40 -18.04
N SER A 55 -36.79 -1.50 -16.76
CA SER A 55 -38.15 -1.75 -16.25
C SER A 55 -39.05 -0.60 -16.67
N LYS A 56 -38.54 0.64 -16.70
CA LYS A 56 -39.34 1.84 -17.06
C LYS A 56 -39.88 1.69 -18.49
N THR A 57 -39.16 1.02 -19.39
CA THR A 57 -39.52 0.89 -20.83
C THR A 57 -40.29 -0.43 -21.06
N GLY A 58 -40.44 -1.24 -20.04
CA GLY A 58 -41.25 -2.47 -20.11
C GLY A 58 -40.42 -3.70 -20.45
N ILE A 59 -39.10 -3.66 -20.35
CA ILE A 59 -38.25 -4.87 -20.55
C ILE A 59 -38.32 -5.73 -19.27
N LYS A 60 -38.41 -7.05 -19.40
CA LYS A 60 -38.37 -8.03 -18.29
C LYS A 60 -36.91 -8.16 -17.87
N VAL A 61 -36.64 -7.87 -16.60
CA VAL A 61 -35.25 -7.90 -16.09
C VAL A 61 -35.10 -9.10 -15.18
N GLN A 62 -34.00 -9.84 -15.32
CA GLN A 62 -33.55 -10.85 -14.35
C GLN A 62 -32.34 -10.26 -13.64
N LEU A 63 -32.52 -9.86 -12.39
CA LEU A 63 -31.43 -9.26 -11.56
C LEU A 63 -30.81 -10.37 -10.72
N ILE A 64 -29.51 -10.59 -10.85
CA ILE A 64 -28.81 -11.68 -10.13
C ILE A 64 -27.85 -11.02 -9.13
N GLU A 65 -28.02 -11.31 -7.84
CA GLU A 65 -27.17 -10.75 -6.75
C GLU A 65 -26.45 -11.90 -6.03
N ALA A 66 -25.14 -11.77 -5.77
CA ALA A 66 -24.33 -12.82 -5.08
C ALA A 66 -24.70 -12.93 -3.60
N THR A 67 -25.01 -11.81 -2.95
CA THR A 67 -25.23 -11.73 -1.48
C THR A 67 -26.72 -11.68 -1.14
N ASP A 68 -27.02 -11.59 0.16
CA ASP A 68 -28.41 -11.63 0.70
C ASP A 68 -29.02 -10.23 0.73
N ARG A 69 -28.38 -9.21 0.17
CA ARG A 69 -28.88 -7.81 0.24
C ARG A 69 -28.58 -7.12 -1.08
N LEU A 70 -29.39 -6.14 -1.45
CA LEU A 70 -29.18 -5.25 -2.62
C LEU A 70 -28.53 -3.97 -2.08
N GLY A 71 -27.72 -3.33 -2.89
CA GLY A 71 -27.12 -2.03 -2.56
C GLY A 71 -25.59 -2.07 -2.62
N GLY A 72 -24.99 -3.26 -2.52
CA GLY A 72 -23.54 -3.46 -2.69
C GLY A 72 -22.72 -2.59 -1.73
N ARG A 73 -21.95 -1.63 -2.25
CA ARG A 73 -21.04 -0.75 -1.47
C ARG A 73 -21.80 0.43 -0.86
N ILE A 74 -23.12 0.42 -0.94
CA ILE A 74 -23.98 1.38 -0.19
C ILE A 74 -24.69 0.61 0.94
N ARG A 75 -24.64 1.13 2.17
CA ARG A 75 -25.34 0.49 3.31
C ARG A 75 -25.52 1.54 4.42
N THR A 76 -26.75 1.68 4.89
CA THR A 76 -27.13 2.74 5.88
C THR A 76 -27.72 2.01 7.08
N VAL A 77 -27.14 2.27 8.23
CA VAL A 77 -27.69 1.81 9.52
C VAL A 77 -28.49 2.98 10.10
N THR A 78 -29.74 2.72 10.47
CA THR A 78 -30.58 3.73 11.16
C THR A 78 -30.38 3.58 12.65
N ASP A 79 -29.77 4.57 13.26
CA ASP A 79 -29.47 4.52 14.71
C ASP A 79 -30.78 4.84 15.43
N VAL A 80 -30.95 4.33 16.64
CA VAL A 80 -32.13 4.61 17.53
C VAL A 80 -32.31 6.12 17.77
N SER A 81 -31.25 6.91 17.72
CA SER A 81 -31.30 8.40 17.81
C SER A 81 -32.08 9.04 16.65
N GLY A 82 -32.28 8.34 15.54
CA GLY A 82 -32.83 8.95 14.32
C GLY A 82 -31.75 9.36 13.33
N ASN A 83 -30.47 9.28 13.72
CA ASN A 83 -29.34 9.64 12.82
C ASN A 83 -29.11 8.46 11.85
N PHE A 84 -28.71 8.77 10.61
CA PHE A 84 -28.44 7.75 9.56
C PHE A 84 -26.91 7.60 9.45
N LEU A 85 -26.41 6.38 9.51
CA LEU A 85 -24.97 6.05 9.48
C LEU A 85 -24.67 5.39 8.14
N ASP A 86 -23.92 6.09 7.26
CA ASP A 86 -23.56 5.50 5.95
C ASP A 86 -22.26 4.71 6.13
N LEU A 87 -22.38 3.38 6.26
CA LEU A 87 -21.22 2.49 6.44
C LEU A 87 -20.53 2.30 5.08
N GLY A 88 -21.25 2.52 3.99
CA GLY A 88 -20.64 2.61 2.66
C GLY A 88 -20.59 4.05 2.16
N ALA A 89 -20.87 4.25 0.87
CA ALA A 89 -20.83 5.59 0.24
C ALA A 89 -21.73 6.54 1.04
N GLU A 90 -21.20 7.71 1.34
CA GLU A 90 -21.88 8.75 2.18
C GLU A 90 -22.16 10.03 1.38
N TRP A 91 -21.28 10.45 0.50
CA TRP A 91 -21.38 11.79 -0.11
C TRP A 91 -21.45 11.73 -1.63
N ILE A 92 -22.15 12.68 -2.23
CA ILE A 92 -22.00 12.96 -3.68
C ILE A 92 -21.46 14.38 -3.75
N GLN A 93 -21.05 14.83 -4.93
CA GLN A 93 -20.66 16.22 -5.16
C GLN A 93 -21.91 16.97 -5.60
N ALA A 94 -22.05 18.25 -5.22
CA ALA A 94 -23.22 19.04 -5.66
C ALA A 94 -23.46 18.93 -7.18
N GLU A 95 -22.42 18.88 -7.99
CA GLU A 95 -22.54 18.85 -9.47
C GLU A 95 -22.64 17.45 -10.06
N HIS A 96 -22.75 16.41 -9.22
CA HIS A 96 -23.00 15.03 -9.74
C HIS A 96 -24.44 15.00 -10.25
N ARG A 97 -24.62 15.35 -11.52
CA ARG A 97 -25.99 15.54 -12.09
C ARG A 97 -26.77 14.22 -12.26
N THR A 98 -26.08 13.14 -12.59
CA THR A 98 -26.76 11.83 -12.77
C THR A 98 -27.42 11.49 -11.43
N ALA A 99 -26.66 11.63 -10.36
CA ALA A 99 -27.14 11.36 -8.99
C ALA A 99 -28.26 12.35 -8.60
N LYS A 100 -28.03 13.65 -8.79
CA LYS A 100 -28.99 14.70 -8.36
C LYS A 100 -30.30 14.52 -9.13
N SER A 101 -30.20 14.26 -10.42
CA SER A 101 -31.40 14.10 -11.28
C SER A 101 -32.18 12.86 -10.84
N LEU A 102 -31.50 11.74 -10.53
CA LEU A 102 -32.21 10.50 -10.13
C LEU A 102 -32.85 10.69 -8.74
N ILE A 103 -32.11 11.29 -7.82
CA ILE A 103 -32.62 11.55 -6.46
C ILE A 103 -33.91 12.38 -6.59
N ARG A 104 -33.90 13.44 -7.40
CA ARG A 104 -35.11 14.27 -7.65
C ARG A 104 -36.21 13.38 -8.26
N GLU A 105 -35.87 12.59 -9.26
CA GLU A 105 -36.87 11.72 -9.97
C GLU A 105 -37.53 10.74 -8.98
N LEU A 106 -36.82 10.21 -7.97
CA LEU A 106 -37.41 9.27 -6.99
C LEU A 106 -38.03 9.97 -5.77
N GLY A 107 -38.12 11.29 -5.79
CA GLY A 107 -38.75 12.12 -4.74
C GLY A 107 -37.92 12.19 -3.47
N LEU A 108 -36.59 12.08 -3.59
CA LEU A 108 -35.66 12.09 -2.43
C LEU A 108 -34.98 13.46 -2.33
N LYS A 109 -34.29 13.74 -1.23
CA LYS A 109 -33.73 15.09 -0.97
C LYS A 109 -32.25 14.91 -0.60
N THR A 110 -31.48 15.95 -0.83
CA THR A 110 -30.07 16.01 -0.42
C THR A 110 -29.89 17.11 0.62
N THR A 111 -28.77 17.03 1.33
CA THR A 111 -28.34 17.97 2.38
C THR A 111 -26.89 18.37 2.07
N ASP A 112 -26.54 19.61 2.41
CA ASP A 112 -25.17 20.14 2.21
C ASP A 112 -24.33 19.64 3.36
N PHE A 113 -23.08 19.32 3.05
CA PHE A 113 -22.07 18.90 4.05
C PHE A 113 -20.87 19.81 3.85
N GLU A 114 -20.68 20.70 4.81
CA GLU A 114 -19.58 21.67 4.79
C GLU A 114 -18.29 20.89 4.96
N VAL A 115 -17.30 21.23 4.14
CA VAL A 115 -15.94 20.62 4.22
C VAL A 115 -14.94 21.64 4.75
N GLN A 116 -14.61 21.51 6.03
CA GLN A 116 -13.60 22.35 6.71
C GLN A 116 -12.78 21.42 7.58
N SER A 117 -11.72 20.85 7.03
CA SER A 117 -10.98 19.72 7.62
C SER A 117 -9.69 20.24 8.24
N ASP A 118 -9.52 19.95 9.53
CA ASP A 118 -8.25 20.15 10.24
C ASP A 118 -7.30 19.03 9.84
N LEU A 119 -6.03 19.17 10.19
CA LEU A 119 -5.00 18.13 9.95
C LEU A 119 -4.16 18.01 11.21
N PHE A 120 -3.98 16.82 11.75
CA PHE A 120 -2.88 16.56 12.72
C PHE A 120 -1.77 15.88 11.94
N PHE A 121 -0.65 16.56 11.81
CA PHE A 121 0.54 16.02 11.09
C PHE A 121 1.73 16.85 11.57
N GLY A 122 2.49 16.27 12.50
CA GLY A 122 3.46 16.98 13.36
C GLY A 122 2.78 17.77 14.46
N SER A 123 1.91 18.71 14.09
CA SER A 123 1.10 19.57 14.98
C SER A 123 -0.35 19.64 14.48
N TYR A 124 -1.23 20.12 15.35
CA TYR A 124 -2.62 20.51 15.02
C TYR A 124 -2.57 21.67 14.05
N ARG A 125 -3.02 21.45 12.81
CA ARG A 125 -3.14 22.50 11.79
C ARG A 125 -4.62 22.74 11.49
N LYS A 126 -5.11 23.95 11.74
CA LYS A 126 -6.51 24.36 11.57
C LYS A 126 -6.91 24.29 10.09
N PHE A 127 -8.18 23.99 9.85
CA PHE A 127 -8.75 23.93 8.48
C PHE A 127 -8.35 25.21 7.75
N GLY A 128 -7.98 25.07 6.48
CA GLY A 128 -7.62 26.17 5.58
C GLY A 128 -6.18 26.60 5.70
N THR A 129 -5.40 26.02 6.63
CA THR A 129 -4.00 26.49 6.87
C THR A 129 -2.97 25.49 6.35
N TRP A 130 -3.39 24.42 5.69
CA TRP A 130 -2.42 23.36 5.29
C TRP A 130 -2.62 23.07 3.80
N ASP A 131 -1.61 23.46 3.05
CA ASP A 131 -1.50 23.35 1.58
C ASP A 131 -0.09 22.93 1.26
N ILE A 132 0.11 22.42 0.06
CA ILE A 132 1.47 22.20 -0.46
C ILE A 132 2.08 23.60 -0.67
N SER A 133 3.38 23.64 -0.88
CA SER A 133 4.17 24.85 -1.24
C SER A 133 3.65 25.45 -2.55
N PRO A 134 3.68 26.79 -2.68
CA PRO A 134 3.23 27.46 -3.90
C PRO A 134 4.01 26.94 -5.12
N LYS A 135 5.31 26.71 -4.98
CA LYS A 135 6.13 26.15 -6.10
C LYS A 135 5.53 24.83 -6.57
N SER A 136 5.21 23.95 -5.61
CA SER A 136 4.70 22.58 -5.86
C SER A 136 3.31 22.68 -6.48
N GLN A 137 2.49 23.66 -6.03
CA GLN A 137 1.15 23.84 -6.63
C GLN A 137 1.31 24.24 -8.11
N GLU A 138 2.24 25.14 -8.43
CA GLU A 138 2.56 25.56 -9.82
C GLU A 138 2.96 24.33 -10.65
N ILE A 139 3.85 23.48 -10.14
CA ILE A 139 4.31 22.25 -10.86
C ILE A 139 3.08 21.38 -11.13
N LEU A 140 2.25 21.14 -10.11
CA LEU A 140 1.05 20.28 -10.28
C LEU A 140 0.08 20.91 -11.28
N ASN A 141 -0.19 22.21 -11.19
CA ASN A 141 -1.07 22.85 -12.19
C ASN A 141 -0.56 22.60 -13.61
N LYS A 142 0.74 22.76 -13.86
CA LYS A 142 1.31 22.63 -15.23
C LYS A 142 1.20 21.18 -15.69
N LEU A 143 1.39 20.23 -14.76
CA LEU A 143 1.33 18.78 -15.11
C LEU A 143 -0.10 18.40 -15.46
N VAL A 144 -1.08 18.84 -14.67
CA VAL A 144 -2.50 18.52 -14.93
C VAL A 144 -2.85 19.13 -16.32
N GLN A 145 -2.47 20.37 -16.60
CA GLN A 145 -2.59 20.98 -17.96
C GLN A 145 -1.88 20.14 -19.05
N MET A 146 -0.62 19.74 -18.88
CA MET A 146 0.21 18.94 -19.84
C MET A 146 -0.57 17.65 -20.22
N ASN A 147 -1.20 17.04 -19.23
CA ASN A 147 -1.80 15.69 -19.36
C ASN A 147 -2.93 15.69 -20.40
N SER A 148 -3.64 16.80 -20.58
CA SER A 148 -4.74 16.86 -21.60
C SER A 148 -4.20 17.30 -22.97
N LYS A 149 -2.88 17.45 -23.14
CA LYS A 149 -2.23 18.02 -24.36
C LYS A 149 -1.08 17.12 -24.85
N ILE A 150 -1.01 15.87 -24.34
CA ILE A 150 0.00 14.86 -24.80
C ILE A 150 -0.77 13.74 -25.50
N ASN A 151 -0.09 13.04 -26.36
CA ASN A 151 -0.69 11.97 -27.18
C ASN A 151 -0.75 10.68 -26.34
N SER A 152 -1.29 9.61 -26.91
CA SER A 152 -1.48 8.32 -26.20
C SER A 152 -0.12 7.67 -25.88
N THR A 153 0.86 7.75 -26.77
CA THR A 153 2.24 7.26 -26.49
C THR A 153 2.77 7.93 -25.21
N GLN A 154 2.61 9.25 -25.11
CA GLN A 154 3.07 10.03 -23.93
C GLN A 154 2.29 9.59 -22.69
N GLN A 155 0.98 9.41 -22.80
CA GLN A 155 0.17 9.01 -21.60
C GLN A 155 0.59 7.60 -21.15
N GLN A 156 0.84 6.69 -22.08
CA GLN A 156 1.27 5.31 -21.75
C GLN A 156 2.61 5.38 -21.02
N GLU A 157 3.51 6.24 -21.48
CA GLU A 157 4.85 6.37 -20.83
C GLU A 157 4.67 6.94 -19.41
N LEU A 158 3.90 7.99 -19.25
CA LEU A 158 3.66 8.61 -17.92
C LEU A 158 3.04 7.58 -16.95
N ASP A 159 2.14 6.76 -17.48
CA ASP A 159 1.44 5.70 -16.74
C ASP A 159 2.41 4.64 -16.21
N ARG A 160 3.64 4.56 -16.71
CA ARG A 160 4.59 3.55 -16.18
C ARG A 160 5.03 3.85 -14.74
N ILE A 161 4.82 5.05 -14.23
CA ILE A 161 5.42 5.58 -12.97
C ILE A 161 4.28 5.90 -12.03
N SER A 162 4.53 5.76 -10.73
CA SER A 162 3.54 6.17 -9.73
C SER A 162 3.45 7.71 -9.66
N PHE A 163 2.29 8.20 -9.26
CA PHE A 163 2.08 9.64 -9.06
C PHE A 163 3.12 10.14 -8.06
N TYR A 164 3.33 9.39 -6.98
CA TYR A 164 4.32 9.78 -5.94
C TYR A 164 5.71 9.99 -6.57
N ASN A 165 6.19 8.99 -7.28
CA ASN A 165 7.59 8.99 -7.77
C ASN A 165 7.72 10.03 -8.88
N PHE A 166 6.69 10.18 -9.72
CA PHE A 166 6.68 11.20 -10.78
C PHE A 166 6.74 12.60 -10.17
N LEU A 167 5.88 12.94 -9.22
CA LEU A 167 5.85 14.31 -8.64
C LEU A 167 7.12 14.56 -7.83
N ASN A 168 7.66 13.56 -7.17
CA ASN A 168 8.92 13.73 -6.43
C ASN A 168 10.04 14.09 -7.45
N TYR A 169 10.09 13.34 -8.55
CA TYR A 169 11.06 13.55 -9.64
C TYR A 169 10.90 14.98 -10.19
N GLN A 170 9.67 15.46 -10.29
CA GLN A 170 9.36 16.79 -10.91
C GLN A 170 9.62 17.93 -9.89
N GLY A 171 9.99 17.60 -8.65
CA GLY A 171 10.48 18.59 -7.68
C GLY A 171 9.56 18.81 -6.50
N MET A 172 8.52 18.03 -6.33
CA MET A 172 7.66 18.17 -5.11
C MET A 172 8.38 17.53 -3.92
N SER A 173 8.31 18.12 -2.74
CA SER A 173 8.96 17.62 -1.50
C SER A 173 8.19 16.40 -0.95
N LEU A 174 8.82 15.59 -0.11
CA LEU A 174 8.10 14.54 0.67
C LEU A 174 6.93 15.16 1.43
N GLU A 175 7.13 16.32 2.05
CA GLU A 175 6.07 16.98 2.86
C GLU A 175 4.89 17.29 1.94
N ASP A 176 5.12 17.86 0.77
CA ASP A 176 4.03 18.20 -0.18
C ASP A 176 3.30 16.88 -0.50
N LEU A 177 4.03 15.82 -0.76
CA LEU A 177 3.38 14.56 -1.20
C LEU A 177 2.58 13.97 -0.04
N ASN A 178 2.99 14.18 1.22
CA ASN A 178 2.22 13.63 2.36
C ASN A 178 0.91 14.41 2.52
N ILE A 179 0.95 15.71 2.27
CA ILE A 179 -0.25 16.59 2.28
C ILE A 179 -1.21 16.13 1.17
N LEU A 180 -0.74 15.93 -0.05
CA LEU A 180 -1.66 15.47 -1.14
C LEU A 180 -2.26 14.13 -0.76
N ASN A 181 -1.48 13.29 -0.13
CA ASN A 181 -1.99 11.95 0.28
C ASN A 181 -3.25 12.11 1.14
N PHE A 182 -3.24 13.06 2.08
CA PHE A 182 -4.44 13.39 2.91
C PHE A 182 -5.51 13.97 2.02
N LYS A 183 -5.16 14.90 1.16
CA LYS A 183 -6.15 15.65 0.34
C LYS A 183 -6.91 14.67 -0.56
N TYR A 184 -6.29 13.60 -1.02
CA TYR A 184 -6.93 12.72 -2.04
C TYR A 184 -7.50 11.48 -1.34
N SER A 185 -7.28 11.29 -0.04
CA SER A 185 -7.52 9.98 0.64
C SER A 185 -8.98 9.56 0.60
N LEU A 186 -9.95 10.49 0.72
CA LEU A 186 -11.37 10.06 0.81
C LEU A 186 -11.83 9.50 -0.53
N TYR A 187 -11.16 9.85 -1.61
CA TYR A 187 -11.44 9.24 -2.93
C TYR A 187 -10.69 7.91 -3.06
N TYR A 188 -9.35 7.96 -3.15
CA TYR A 188 -8.57 6.75 -3.51
C TYR A 188 -8.56 5.73 -2.38
N GLY A 189 -8.42 6.16 -1.14
CA GLY A 189 -8.31 5.24 0.01
C GLY A 189 -7.00 4.48 -0.01
N ASP A 190 -6.01 4.97 -0.73
CA ASP A 190 -4.68 4.34 -0.72
C ASP A 190 -3.64 5.40 -1.03
N SER A 191 -2.40 5.01 -0.79
CA SER A 191 -1.17 5.81 -0.94
C SER A 191 -1.03 6.22 -2.41
N LEU A 192 -0.53 7.43 -2.66
CA LEU A 192 -0.13 7.88 -4.00
C LEU A 192 1.00 7.02 -4.55
N ARG A 193 1.72 6.27 -3.70
CA ARG A 193 2.79 5.37 -4.16
C ARG A 193 2.20 4.19 -4.93
N SER A 194 0.88 3.99 -4.85
CA SER A 194 0.17 2.83 -5.46
C SER A 194 -0.40 3.18 -6.82
N LEU A 195 -0.44 4.47 -7.17
CA LEU A 195 -1.37 4.97 -8.21
C LEU A 195 -0.60 5.47 -9.42
N SER A 196 -1.09 5.10 -10.60
CA SER A 196 -0.56 5.59 -11.89
C SER A 196 -0.47 7.11 -11.84
N ALA A 197 0.65 7.68 -12.27
CA ALA A 197 0.83 9.16 -12.42
C ALA A 197 -0.19 9.70 -13.42
N GLN A 198 -0.36 8.98 -14.51
N GLN A 198 -0.37 8.97 -14.51
CA GLN A 198 -1.31 9.35 -15.60
CA GLN A 198 -1.30 9.33 -15.62
C GLN A 198 -2.73 9.34 -15.07
C GLN A 198 -2.74 9.33 -15.10
N LYS A 199 -3.15 8.28 -14.41
CA LYS A 199 -4.54 8.22 -13.93
C LYS A 199 -4.81 9.42 -12.98
N VAL A 200 -3.92 9.68 -12.05
CA VAL A 200 -4.18 10.71 -10.99
C VAL A 200 -4.18 12.09 -11.66
N LEU A 201 -3.23 12.38 -12.54
CA LEU A 201 -3.28 13.68 -13.27
C LEU A 201 -4.58 13.85 -14.06
N SER A 202 -5.08 12.78 -14.65
CA SER A 202 -6.33 12.80 -15.45
C SER A 202 -7.51 13.05 -14.50
N ASP A 203 -7.47 12.53 -13.28
CA ASP A 203 -8.55 12.67 -12.29
C ASP A 203 -8.60 14.10 -11.72
N LEU A 204 -7.47 14.80 -11.72
CA LEU A 204 -7.39 16.10 -11.04
C LEU A 204 -8.11 17.19 -11.83
N VAL A 205 -8.46 17.01 -13.11
CA VAL A 205 -9.26 18.05 -13.86
C VAL A 205 -10.61 18.24 -13.18
N ASN A 206 -11.21 17.17 -12.67
CA ASN A 206 -12.55 17.18 -12.06
C ASN A 206 -12.60 16.26 -10.83
N PHE A 207 -11.76 16.54 -9.86
CA PHE A 207 -11.57 15.67 -8.69
C PHE A 207 -12.84 15.69 -7.85
N PRO A 208 -13.28 14.52 -7.34
CA PRO A 208 -14.53 14.43 -6.61
C PRO A 208 -14.42 15.21 -5.29
N LYS A 209 -15.47 15.94 -4.95
CA LYS A 209 -15.62 16.63 -3.66
C LYS A 209 -16.82 16.00 -2.94
N TYR A 210 -16.71 15.75 -1.65
CA TYR A 210 -17.67 14.99 -0.83
C TYR A 210 -18.47 16.00 0.00
N ASN A 211 -19.47 16.65 -0.59
CA ASN A 211 -20.10 17.83 0.10
C ASN A 211 -21.64 17.78 0.09
N THR A 212 -22.21 16.62 -0.23
CA THR A 212 -23.68 16.43 -0.36
C THR A 212 -24.03 15.04 0.17
N ARG A 213 -25.02 14.93 1.05
CA ARG A 213 -25.52 13.64 1.52
C ARG A 213 -26.99 13.49 1.13
N VAL A 214 -27.47 12.25 1.18
CA VAL A 214 -28.90 11.92 0.92
C VAL A 214 -29.62 11.88 2.25
N GLU A 215 -30.75 12.58 2.27
CA GLU A 215 -31.68 12.54 3.42
C GLU A 215 -32.11 11.10 3.63
N GLY A 216 -31.87 10.58 4.82
CA GLY A 216 -32.22 9.21 5.17
C GLY A 216 -31.07 8.26 4.91
N GLY A 217 -29.93 8.79 4.50
CA GLY A 217 -28.77 7.98 4.12
C GLY A 217 -28.80 7.54 2.67
N MET A 218 -27.65 7.08 2.19
CA MET A 218 -27.47 6.76 0.76
C MET A 218 -28.35 5.54 0.43
N GLU A 219 -28.65 4.71 1.42
CA GLU A 219 -29.43 3.48 1.16
C GLU A 219 -30.88 3.85 0.85
N THR A 220 -31.30 5.09 1.13
CA THR A 220 -32.63 5.62 0.70
C THR A 220 -32.73 5.52 -0.82
N LEU A 221 -31.64 5.81 -1.52
CA LEU A 221 -31.59 5.76 -3.00
C LEU A 221 -31.71 4.31 -3.49
N THR A 222 -30.93 3.39 -2.96
CA THR A 222 -30.98 1.96 -3.37
C THR A 222 -32.39 1.43 -3.08
N ARG A 223 -32.95 1.71 -1.90
CA ARG A 223 -34.32 1.23 -1.54
C ARG A 223 -35.38 1.82 -2.50
N ALA A 224 -35.24 3.09 -2.91
CA ALA A 224 -36.20 3.74 -3.83
C ALA A 224 -36.12 3.06 -5.22
N LEU A 225 -34.92 2.70 -5.68
CA LEU A 225 -34.78 1.93 -6.95
C LEU A 225 -35.50 0.58 -6.83
N VAL A 226 -35.26 -0.18 -5.75
CA VAL A 226 -35.83 -1.54 -5.50
C VAL A 226 -37.37 -1.41 -5.57
N SER A 227 -37.88 -0.35 -4.95
CA SER A 227 -39.33 -0.10 -4.84
C SER A 227 -39.94 0.22 -6.20
N SER A 228 -39.15 0.72 -7.16
CA SER A 228 -39.63 1.19 -8.48
C SER A 228 -39.45 0.14 -9.58
N LEU A 229 -38.91 -1.05 -9.28
CA LEU A 229 -38.74 -2.12 -10.30
C LEU A 229 -40.15 -2.69 -10.62
N GLU A 230 -40.47 -2.87 -11.89
CA GLU A 230 -41.70 -3.58 -12.35
C GLU A 230 -41.20 -4.72 -13.23
N ASN A 231 -41.85 -5.88 -13.22
CA ASN A 231 -41.45 -7.00 -14.13
C ASN A 231 -39.98 -7.37 -13.87
N THR A 232 -39.50 -7.29 -12.61
CA THR A 232 -38.09 -7.70 -12.29
C THR A 232 -38.10 -8.90 -11.34
N GLU A 233 -37.46 -9.99 -11.75
CA GLU A 233 -37.21 -11.18 -10.91
C GLU A 233 -35.88 -10.90 -10.23
N ILE A 234 -35.83 -10.95 -8.92
CA ILE A 234 -34.54 -10.72 -8.22
C ILE A 234 -34.06 -12.04 -7.65
N ILE A 235 -32.84 -12.43 -7.97
CA ILE A 235 -32.26 -13.69 -7.44
C ILE A 235 -31.21 -13.29 -6.42
N PHE A 236 -31.40 -13.72 -5.17
CA PHE A 236 -30.49 -13.37 -4.05
C PHE A 236 -29.58 -14.56 -3.78
N SER A 237 -28.45 -14.25 -3.15
CA SER A 237 -27.51 -15.23 -2.56
C SER A 237 -27.15 -16.30 -3.60
N ASP A 238 -26.97 -15.92 -4.88
CA ASP A 238 -26.71 -16.94 -5.94
C ASP A 238 -25.74 -16.38 -6.98
N PRO A 239 -24.43 -16.33 -6.64
CA PRO A 239 -23.45 -15.73 -7.56
C PRO A 239 -23.40 -16.36 -8.94
N VAL A 240 -23.18 -15.50 -9.93
CA VAL A 240 -22.90 -15.90 -11.32
C VAL A 240 -21.56 -16.59 -11.32
N VAL A 241 -21.46 -17.72 -12.02
CA VAL A 241 -20.18 -18.48 -12.16
C VAL A 241 -19.82 -18.65 -13.62
N SER A 242 -20.76 -18.53 -14.56
CA SER A 242 -20.46 -18.63 -16.00
C SER A 242 -21.40 -17.77 -16.84
N VAL A 243 -20.88 -17.33 -17.98
CA VAL A 243 -21.61 -16.52 -18.97
C VAL A 243 -21.26 -17.06 -20.35
N SER A 244 -22.27 -17.41 -21.13
CA SER A 244 -22.04 -17.85 -22.52
C SER A 244 -22.92 -16.99 -23.43
N GLN A 245 -22.48 -16.83 -24.65
CA GLN A 245 -23.23 -16.08 -25.66
C GLN A 245 -23.14 -16.87 -26.96
N GLY A 246 -24.27 -16.98 -27.65
CA GLY A 246 -24.38 -17.79 -28.87
C GLY A 246 -25.83 -17.86 -29.28
N GLU A 247 -26.09 -18.08 -30.57
CA GLU A 247 -27.46 -18.33 -31.10
C GLU A 247 -28.41 -17.20 -30.70
N GLY A 248 -27.92 -15.96 -30.61
CA GLY A 248 -28.73 -14.78 -30.29
C GLY A 248 -29.19 -14.73 -28.84
N LYS A 249 -28.55 -15.46 -27.92
CA LYS A 249 -28.93 -15.43 -26.47
C LYS A 249 -27.66 -15.25 -25.62
N VAL A 250 -27.86 -14.74 -24.42
CA VAL A 250 -26.85 -14.83 -23.34
C VAL A 250 -27.38 -15.80 -22.29
N ILE A 251 -26.57 -16.76 -21.88
CA ILE A 251 -26.92 -17.73 -20.82
C ILE A 251 -26.00 -17.49 -19.62
N VAL A 252 -26.59 -17.17 -18.49
CA VAL A 252 -25.86 -16.93 -17.22
C VAL A 252 -26.17 -18.11 -16.27
N THR A 253 -25.15 -18.71 -15.69
CA THR A 253 -25.32 -19.81 -14.73
C THR A 253 -24.80 -19.35 -13.37
N THR A 254 -25.50 -19.73 -12.33
CA THR A 254 -25.18 -19.34 -10.94
C THR A 254 -24.57 -20.56 -10.25
N VAL A 255 -24.08 -20.35 -9.05
CA VAL A 255 -23.45 -21.41 -8.22
C VAL A 255 -24.45 -22.54 -7.96
N SER A 256 -25.75 -22.25 -7.88
CA SER A 256 -26.80 -23.26 -7.53
C SER A 256 -27.13 -24.09 -8.77
N GLY A 257 -26.64 -23.67 -9.95
CA GLY A 257 -26.95 -24.32 -11.24
C GLY A 257 -28.12 -23.68 -11.97
N LYS A 258 -28.70 -22.57 -11.50
CA LYS A 258 -29.80 -21.88 -12.21
C LYS A 258 -29.21 -21.35 -13.53
N LYS A 259 -29.92 -21.59 -14.66
CA LYS A 259 -29.58 -21.08 -16.02
C LYS A 259 -30.58 -19.99 -16.35
N ILE A 260 -30.14 -18.77 -16.55
CA ILE A 260 -31.02 -17.61 -16.89
C ILE A 260 -30.64 -17.19 -18.31
N GLU A 261 -31.64 -17.13 -19.19
CA GLU A 261 -31.45 -16.75 -20.60
C GLU A 261 -31.88 -15.31 -20.83
N GLY A 262 -31.22 -14.59 -21.72
CA GLY A 262 -31.66 -13.23 -22.05
C GLY A 262 -31.23 -12.78 -23.42
N ASN A 263 -31.87 -11.75 -23.92
CA ASN A 263 -31.48 -11.10 -25.20
C ASN A 263 -30.17 -10.30 -25.04
N ALA A 264 -29.92 -9.78 -23.85
CA ALA A 264 -28.70 -9.01 -23.55
C ALA A 264 -28.37 -9.20 -22.07
N CYS A 265 -27.19 -8.75 -21.68
CA CYS A 265 -26.75 -8.95 -20.30
C CYS A 265 -25.91 -7.74 -19.94
N ILE A 266 -26.19 -7.16 -18.78
CA ILE A 266 -25.37 -6.02 -18.25
C ILE A 266 -24.61 -6.53 -17.05
N SER A 267 -23.31 -6.54 -17.15
CA SER A 267 -22.43 -6.90 -16.02
C SER A 267 -22.17 -5.64 -15.19
N THR A 268 -22.41 -5.69 -13.89
CA THR A 268 -21.96 -4.60 -12.97
C THR A 268 -20.96 -5.21 -12.00
N LEU A 269 -20.42 -6.36 -12.33
CA LEU A 269 -19.59 -7.12 -11.37
C LEU A 269 -18.24 -6.41 -11.20
N PRO A 270 -17.66 -6.57 -10.01
CA PRO A 270 -16.33 -6.03 -9.76
C PRO A 270 -15.25 -6.81 -10.52
N ALA A 271 -14.07 -6.22 -10.60
CA ALA A 271 -12.99 -6.68 -11.50
C ALA A 271 -12.54 -8.11 -11.13
N ASN A 272 -12.45 -8.46 -9.86
CA ASN A 272 -11.99 -9.81 -9.51
C ASN A 272 -12.97 -10.88 -10.01
N GLN A 273 -14.27 -10.59 -10.02
CA GLN A 273 -15.29 -11.55 -10.45
C GLN A 273 -15.19 -11.79 -11.95
N LEU A 274 -14.83 -10.77 -12.75
CA LEU A 274 -14.68 -11.00 -14.20
C LEU A 274 -13.62 -12.07 -14.50
N THR A 275 -12.55 -12.14 -13.69
CA THR A 275 -11.35 -13.02 -13.84
C THR A 275 -11.73 -14.43 -13.41
N THR A 276 -12.71 -14.59 -12.49
CA THR A 276 -13.00 -15.96 -11.96
C THR A 276 -14.19 -16.58 -12.67
N ILE A 277 -15.15 -15.78 -13.10
CA ILE A 277 -16.30 -16.26 -13.91
C ILE A 277 -15.72 -16.89 -15.18
N GLN A 278 -16.36 -17.96 -15.67
CA GLN A 278 -16.02 -18.65 -16.94
C GLN A 278 -16.86 -18.03 -18.06
N TRP A 279 -16.21 -17.49 -19.09
CA TRP A 279 -16.89 -16.81 -20.21
C TRP A 279 -16.70 -17.65 -21.46
N ASP A 280 -17.76 -17.80 -22.25
CA ASP A 280 -17.67 -18.54 -23.52
C ASP A 280 -18.51 -17.82 -24.56
N PRO A 281 -17.91 -17.15 -25.58
CA PRO A 281 -16.45 -17.07 -25.76
C PRO A 281 -15.71 -16.28 -24.68
N GLU A 282 -14.41 -16.52 -24.62
CA GLU A 282 -13.52 -16.00 -23.56
C GLU A 282 -13.45 -14.47 -23.69
N LEU A 283 -13.18 -13.80 -22.58
CA LEU A 283 -12.95 -12.33 -22.60
C LEU A 283 -11.80 -12.01 -23.54
N ASP A 284 -11.86 -10.83 -24.17
CA ASP A 284 -10.70 -10.25 -24.89
C ASP A 284 -9.52 -10.20 -23.91
N LYS A 285 -8.33 -10.44 -24.44
CA LYS A 285 -7.09 -10.44 -23.66
C LYS A 285 -6.96 -9.10 -22.90
N GLU A 286 -7.24 -7.95 -23.53
CA GLU A 286 -7.02 -6.63 -22.84
C GLU A 286 -8.02 -6.49 -21.68
N LYS A 287 -9.22 -7.05 -21.81
CA LYS A 287 -10.25 -6.92 -20.76
C LYS A 287 -9.85 -7.78 -19.55
N LYS A 288 -9.43 -8.99 -19.81
CA LYS A 288 -8.96 -9.90 -18.73
C LYS A 288 -7.78 -9.25 -18.03
N LEU A 289 -6.82 -8.72 -18.80
CA LEU A 289 -5.64 -8.13 -18.17
C LEU A 289 -6.09 -6.92 -17.34
N SER A 290 -6.94 -6.07 -17.93
CA SER A 290 -7.48 -4.88 -17.25
C SER A 290 -8.09 -5.29 -15.91
N ALA A 291 -8.89 -6.36 -15.88
CA ALA A 291 -9.57 -6.80 -14.63
C ALA A 291 -8.51 -7.22 -13.62
N LEU A 292 -7.43 -7.88 -14.07
CA LEU A 292 -6.38 -8.37 -13.17
C LEU A 292 -5.51 -7.19 -12.72
N ARG A 293 -5.49 -6.04 -13.41
CA ARG A 293 -4.66 -4.88 -12.99
C ARG A 293 -5.30 -4.07 -11.88
N ILE A 294 -6.61 -4.11 -11.79
CA ILE A 294 -7.34 -3.29 -10.80
C ILE A 294 -6.94 -3.73 -9.39
N ARG A 295 -6.63 -2.76 -8.56
CA ARG A 295 -6.45 -3.00 -7.10
C ARG A 295 -7.57 -2.26 -6.36
N TYR A 296 -8.36 -2.95 -5.55
CA TYR A 296 -9.45 -2.30 -4.81
C TYR A 296 -8.85 -1.73 -3.52
N SER A 297 -9.14 -0.48 -3.29
CA SER A 297 -8.68 0.15 -2.02
C SER A 297 -9.51 -0.40 -0.86
N ARG A 298 -9.03 -0.14 0.35
CA ARG A 298 -9.60 -0.69 1.59
C ARG A 298 -10.01 0.47 2.49
N ILE A 299 -11.31 0.68 2.58
CA ILE A 299 -11.95 1.82 3.27
C ILE A 299 -12.80 1.26 4.40
N TYR A 300 -12.43 1.56 5.65
CA TYR A 300 -13.13 1.06 6.84
C TYR A 300 -13.82 2.23 7.53
N LYS A 301 -15.07 2.01 7.94
CA LYS A 301 -15.93 3.09 8.50
C LYS A 301 -16.42 2.64 9.88
N THR A 302 -16.39 3.58 10.80
CA THR A 302 -16.93 3.40 12.18
C THR A 302 -17.71 4.66 12.53
N PHE A 303 -18.83 4.51 13.24
CA PHE A 303 -19.58 5.62 13.85
C PHE A 303 -19.68 5.34 15.36
N LEU A 304 -19.32 6.36 16.15
CA LEU A 304 -19.58 6.42 17.62
C LEU A 304 -20.82 7.27 17.87
N MET A 305 -21.79 6.73 18.61
CA MET A 305 -22.92 7.51 19.14
C MET A 305 -22.49 7.93 20.54
N LEU A 306 -22.45 9.23 20.76
CA LEU A 306 -21.87 9.85 21.99
C LEU A 306 -22.93 10.70 22.71
N ARG A 307 -22.85 10.75 24.04
CA ARG A 307 -23.72 11.63 24.88
C ARG A 307 -23.43 13.11 24.62
N GLU A 308 -22.17 13.48 24.38
CA GLU A 308 -21.74 14.89 24.24
C GLU A 308 -20.81 15.01 23.04
N ALA A 309 -20.81 16.18 22.38
CA ALA A 309 -19.93 16.48 21.24
C ALA A 309 -18.48 16.46 21.73
N PRO A 310 -17.57 15.71 21.09
CA PRO A 310 -16.16 15.72 21.48
C PRO A 310 -15.33 16.80 20.75
N TRP A 311 -15.92 17.44 19.75
CA TRP A 311 -15.31 18.57 18.99
C TRP A 311 -15.74 19.89 19.64
N THR A 312 -15.08 20.98 19.28
CA THR A 312 -15.36 22.34 19.82
C THR A 312 -15.72 23.31 18.71
N ARG A 313 -15.95 22.83 17.48
CA ARG A 313 -16.47 23.71 16.42
C ARG A 313 -17.52 22.97 15.60
N GLY A 314 -18.36 23.74 14.90
CA GLY A 314 -19.37 23.27 13.93
C GLY A 314 -18.65 22.73 12.70
N SER A 315 -19.29 21.89 11.89
CA SER A 315 -18.71 21.37 10.62
C SER A 315 -17.36 20.70 10.89
N PHE A 316 -17.24 19.99 12.00
CA PHE A 316 -15.95 19.37 12.40
C PHE A 316 -15.61 18.25 11.42
N SER A 317 -14.35 18.23 10.98
CA SER A 317 -13.69 17.07 10.37
C SER A 317 -12.19 17.24 10.51
N ALA A 318 -11.44 16.12 10.47
CA ALA A 318 -9.98 16.22 10.68
C ALA A 318 -9.34 14.98 10.08
N TYR A 319 -8.16 15.17 9.49
CA TYR A 319 -7.30 14.10 8.98
C TYR A 319 -6.15 13.80 9.94
N SER A 320 -5.65 12.58 9.93
CA SER A 320 -4.32 12.24 10.50
C SER A 320 -3.81 10.94 9.90
N ASP A 321 -2.54 10.67 10.17
CA ASP A 321 -1.87 9.41 9.77
C ASP A 321 -2.21 8.33 10.80
N SER A 322 -2.92 8.64 11.88
CA SER A 322 -3.19 7.62 12.93
C SER A 322 -4.19 6.58 12.42
N VAL A 323 -4.53 5.61 13.26
CA VAL A 323 -5.47 4.52 12.88
C VAL A 323 -6.80 5.15 12.51
N ALA A 324 -7.16 6.22 13.22
CA ALA A 324 -8.38 7.02 12.92
C ALA A 324 -8.01 8.09 11.88
N GLY A 325 -8.09 7.77 10.58
CA GLY A 325 -7.54 8.62 9.52
C GLY A 325 -8.29 9.92 9.30
N PHE A 326 -9.61 9.83 9.26
CA PHE A 326 -10.49 10.98 9.00
C PHE A 326 -11.66 10.85 9.96
N ILE A 327 -11.85 11.83 10.82
CA ILE A 327 -12.94 11.81 11.83
C ILE A 327 -13.77 13.07 11.60
N TYR A 328 -15.06 12.98 11.84
CA TYR A 328 -15.97 14.05 11.40
C TYR A 328 -17.22 13.97 12.24
N ASP A 329 -17.85 15.11 12.41
CA ASP A 329 -19.25 15.22 12.88
C ASP A 329 -20.15 14.67 11.76
N ALA A 330 -20.68 13.48 11.95
CA ALA A 330 -21.51 12.78 10.94
C ALA A 330 -23.02 13.00 11.16
N GLY A 331 -23.41 13.71 12.21
CA GLY A 331 -24.85 13.76 12.55
C GLY A 331 -25.70 14.25 11.38
N THR A 332 -26.86 13.64 11.17
CA THR A 332 -27.83 13.99 10.09
C THR A 332 -29.13 14.57 10.65
N LYS A 333 -29.42 14.33 11.93
CA LYS A 333 -30.72 14.68 12.54
C LYS A 333 -30.61 16.08 13.13
N ILE A 334 -31.51 17.01 12.80
CA ILE A 334 -31.47 18.34 13.48
C ILE A 334 -31.96 18.15 14.93
N ASN A 335 -31.43 18.96 15.86
CA ASN A 335 -31.75 18.92 17.32
C ASN A 335 -31.60 17.49 17.83
N SER A 336 -30.53 16.83 17.42
CA SER A 336 -30.12 15.53 17.99
C SER A 336 -29.44 15.83 19.34
N GLU A 337 -29.86 15.16 20.41
CA GLU A 337 -29.16 15.18 21.73
C GLU A 337 -27.88 14.33 21.61
N ASP A 338 -28.03 13.13 21.04
CA ASP A 338 -26.92 12.19 20.71
C ASP A 338 -26.08 12.74 19.55
N LYS A 339 -24.76 12.70 19.71
CA LYS A 339 -23.77 13.17 18.72
C LYS A 339 -23.16 11.95 18.02
N ILE A 340 -22.88 12.12 16.74
CA ILE A 340 -22.40 11.03 15.89
C ILE A 340 -21.02 11.42 15.38
N LEU A 341 -20.01 10.66 15.76
CA LEU A 341 -18.64 10.87 15.25
C LEU A 341 -18.38 9.76 14.24
N GLY A 342 -18.09 10.15 13.01
CA GLY A 342 -17.71 9.21 11.95
C GLY A 342 -16.21 9.13 11.85
N MET A 343 -15.73 7.95 11.50
CA MET A 343 -14.30 7.68 11.28
C MET A 343 -14.20 6.93 9.95
N ILE A 344 -13.37 7.45 9.04
CA ILE A 344 -12.96 6.69 7.82
C ILE A 344 -11.45 6.42 7.86
N SER A 345 -11.06 5.16 7.76
CA SER A 345 -9.62 4.74 7.85
C SER A 345 -9.27 3.89 6.64
N THR A 346 -8.10 4.09 6.09
CA THR A 346 -7.77 3.51 4.78
C THR A 346 -6.48 2.71 4.86
N GLY A 347 -6.28 1.88 3.85
CA GLY A 347 -5.03 1.12 3.70
C GLY A 347 -4.95 0.04 4.75
N ASP A 348 -3.79 -0.12 5.35
CA ASP A 348 -3.56 -1.21 6.33
C ASP A 348 -4.44 -0.94 7.55
N ARG A 349 -4.94 0.29 7.66
CA ARG A 349 -5.82 0.65 8.79
C ARG A 349 -7.09 -0.21 8.70
N TYR A 350 -7.51 -0.61 7.50
CA TYR A 350 -8.71 -1.46 7.36
C TYR A 350 -8.51 -2.76 8.13
N ASP A 351 -7.37 -3.43 7.87
CA ASP A 351 -7.08 -4.73 8.54
C ASP A 351 -6.87 -4.51 10.04
N ILE A 352 -6.21 -3.42 10.45
CA ILE A 352 -5.99 -3.10 11.90
C ILE A 352 -7.38 -3.04 12.56
N LEU A 353 -8.28 -2.28 11.96
CA LEU A 353 -9.64 -2.08 12.52
C LEU A 353 -10.47 -3.35 12.42
N ALA A 354 -10.42 -4.09 11.31
CA ALA A 354 -11.23 -5.34 11.14
C ALA A 354 -10.92 -6.34 12.26
N SER A 355 -9.71 -6.32 12.82
CA SER A 355 -9.33 -7.27 13.90
C SER A 355 -9.33 -6.58 15.29
N SER A 356 -9.79 -5.33 15.39
CA SER A 356 -9.85 -4.53 16.65
C SER A 356 -11.18 -4.81 17.36
N THR A 357 -11.19 -4.75 18.69
CA THR A 357 -12.41 -4.79 19.52
C THR A 357 -13.06 -3.40 19.45
N ASP A 358 -14.30 -3.27 19.91
CA ASP A 358 -14.98 -1.95 19.97
C ASP A 358 -14.23 -1.05 20.93
N ALA A 359 -13.72 -1.58 22.04
CA ALA A 359 -12.95 -0.75 23.00
C ALA A 359 -11.70 -0.17 22.28
N MET A 360 -11.06 -0.93 21.40
CA MET A 360 -9.82 -0.43 20.75
C MET A 360 -10.19 0.69 19.79
N LYS A 361 -11.28 0.51 19.05
CA LYS A 361 -11.75 1.51 18.06
C LYS A 361 -12.01 2.83 18.78
N VAL A 362 -12.72 2.75 19.92
CA VAL A 362 -13.01 3.96 20.73
C VAL A 362 -11.66 4.62 21.09
N GLU A 363 -10.68 3.84 21.51
CA GLU A 363 -9.39 4.42 21.96
C GLU A 363 -8.67 5.04 20.77
N TYR A 364 -8.69 4.41 19.59
CA TYR A 364 -8.02 4.98 18.39
C TYR A 364 -8.63 6.36 18.12
N ILE A 365 -9.95 6.47 18.29
CA ILE A 365 -10.67 7.73 18.03
C ILE A 365 -10.34 8.75 19.14
N ARG A 366 -10.28 8.33 20.41
CA ARG A 366 -10.00 9.29 21.52
C ARG A 366 -8.58 9.85 21.30
N LEU A 367 -7.61 9.00 20.95
CA LEU A 367 -6.22 9.43 20.73
C LEU A 367 -6.14 10.42 19.55
N ALA A 368 -6.88 10.19 18.46
CA ALA A 368 -6.97 11.18 17.37
C ALA A 368 -7.52 12.51 17.92
N LEU A 369 -8.60 12.50 18.71
CA LEU A 369 -9.18 13.74 19.29
C LEU A 369 -8.14 14.42 20.20
N GLU A 370 -7.45 13.63 21.03
CA GLU A 370 -6.44 14.16 21.99
C GLU A 370 -5.35 14.92 21.23
N SER A 371 -4.94 14.45 20.04
CA SER A 371 -3.86 15.13 19.27
C SER A 371 -4.37 16.46 18.68
N LEU A 372 -5.69 16.68 18.64
CA LEU A 372 -6.31 17.95 18.21
C LEU A 372 -6.56 18.87 19.41
N GLY A 373 -6.36 18.38 20.64
CA GLY A 373 -6.63 19.14 21.88
C GLY A 373 -7.89 18.71 22.62
N GLN A 374 -8.56 17.61 22.23
CA GLN A 374 -9.79 17.11 22.92
C GLN A 374 -9.55 15.68 23.44
N GLY A 375 -8.85 15.55 24.55
CA GLY A 375 -8.50 14.20 25.05
C GLY A 375 -9.54 13.66 26.00
N ARG A 376 -10.57 14.45 26.31
CA ARG A 376 -11.67 14.07 27.23
C ARG A 376 -12.15 12.64 26.93
N GLU A 377 -12.49 11.90 28.00
CA GLU A 377 -13.02 10.55 27.72
C GLU A 377 -14.32 10.68 26.94
N LEU A 378 -14.55 9.72 26.07
CA LEU A 378 -15.77 9.76 25.27
C LEU A 378 -16.90 9.06 26.03
N GLN A 379 -18.11 9.61 25.94
CA GLN A 379 -19.26 8.94 26.57
C GLN A 379 -19.93 8.14 25.45
N VAL A 380 -19.51 6.90 25.25
CA VAL A 380 -19.93 6.10 24.06
C VAL A 380 -21.22 5.35 24.39
N LEU A 381 -22.27 5.60 23.64
CA LEU A 381 -23.56 4.88 23.81
C LEU A 381 -23.56 3.63 22.93
N ARG A 382 -23.19 3.78 21.66
CA ARG A 382 -23.24 2.66 20.69
C ARG A 382 -22.17 2.86 19.63
N ILE A 383 -21.90 1.80 18.88
CA ILE A 383 -20.84 1.79 17.84
C ILE A 383 -21.36 0.94 16.70
N GLN A 384 -21.06 1.36 15.46
CA GLN A 384 -21.39 0.56 14.26
C GLN A 384 -20.15 0.59 13.37
N SER A 385 -19.75 -0.53 12.79
CA SER A 385 -18.58 -0.55 11.88
C SER A 385 -18.88 -1.27 10.59
N SER A 386 -17.98 -1.10 9.63
CA SER A 386 -17.92 -1.87 8.39
C SER A 386 -18.12 -3.36 8.62
N GLU A 387 -18.83 -4.02 7.71
CA GLU A 387 -18.88 -5.50 7.60
C GLU A 387 -17.75 -5.96 6.66
N THR A 388 -16.97 -6.96 7.04
CA THR A 388 -15.69 -7.26 6.32
C THR A 388 -15.75 -8.62 5.59
N SER A 389 -16.86 -9.32 5.68
CA SER A 389 -16.87 -10.77 5.38
C SER A 389 -17.18 -11.09 3.91
N GLN A 390 -17.60 -10.13 3.08
CA GLN A 390 -18.08 -10.51 1.72
C GLN A 390 -17.27 -9.81 0.63
N SER A 391 -15.98 -9.61 0.86
CA SER A 391 -15.17 -8.74 -0.01
C SER A 391 -14.94 -9.41 -1.37
N LYS A 392 -15.12 -10.74 -1.48
CA LYS A 392 -15.06 -11.51 -2.77
C LYS A 392 -16.04 -10.90 -3.78
N PHE A 393 -17.18 -10.46 -3.25
CA PHE A 393 -18.33 -9.98 -4.06
C PHE A 393 -18.45 -8.47 -3.93
N ILE A 394 -18.28 -7.92 -2.73
CA ILE A 394 -18.50 -6.47 -2.49
C ILE A 394 -17.17 -5.86 -2.14
N PRO A 395 -16.54 -5.10 -3.07
CA PRO A 395 -15.21 -4.58 -2.79
C PRO A 395 -15.17 -3.73 -1.51
N THR A 396 -13.98 -3.70 -0.90
CA THR A 396 -13.67 -2.94 0.34
C THR A 396 -13.50 -1.45 0.08
N GLY A 397 -13.50 -1.04 -1.19
CA GLY A 397 -13.19 0.35 -1.58
C GLY A 397 -13.57 0.61 -3.01
N ILE A 398 -12.72 1.35 -3.70
CA ILE A 398 -12.91 1.64 -5.15
C ILE A 398 -11.78 1.05 -5.94
N ALA A 399 -12.06 0.78 -7.20
CA ALA A 399 -11.01 0.37 -8.16
C ALA A 399 -9.93 1.44 -8.19
N THR A 400 -8.68 1.04 -7.98
CA THR A 400 -7.49 1.91 -8.15
C THR A 400 -6.66 1.34 -9.29
N PHE A 401 -5.92 2.23 -9.94
CA PHE A 401 -5.27 1.99 -11.24
C PHE A 401 -3.79 2.18 -11.01
N PRO A 402 -3.02 1.11 -10.75
CA PRO A 402 -1.58 1.23 -10.54
C PRO A 402 -0.85 1.60 -11.84
N PRO A 403 0.46 1.93 -11.70
CA PRO A 403 1.29 2.10 -12.88
C PRO A 403 1.13 0.87 -13.78
N GLY A 404 1.04 1.12 -15.08
CA GLY A 404 0.90 0.08 -16.11
C GLY A 404 -0.53 -0.17 -16.53
N SER A 405 -1.52 0.47 -15.91
CA SER A 405 -2.95 0.16 -16.09
C SER A 405 -3.59 1.08 -17.13
N TYR A 406 -2.82 1.93 -17.81
CA TYR A 406 -3.34 2.83 -18.88
C TYR A 406 -4.28 2.04 -19.78
N GLY A 407 -5.49 2.54 -20.03
CA GLY A 407 -6.46 1.91 -20.96
C GLY A 407 -7.42 0.92 -20.33
N SER A 408 -7.29 0.63 -19.02
CA SER A 408 -8.07 -0.41 -18.31
C SER A 408 -9.54 -0.06 -18.34
N ILE A 409 -9.92 1.22 -18.14
CA ILE A 409 -11.37 1.55 -18.06
C ILE A 409 -11.98 1.34 -19.44
N ILE A 410 -11.32 1.85 -20.48
CA ILE A 410 -11.85 1.67 -21.86
C ILE A 410 -12.01 0.18 -22.16
N SER A 411 -11.04 -0.64 -21.77
CA SER A 411 -11.08 -2.12 -21.99
CA SER A 411 -11.08 -2.11 -21.99
C SER A 411 -12.21 -2.76 -21.18
N LEU A 412 -12.37 -2.38 -19.92
CA LEU A 412 -13.43 -2.96 -19.05
C LEU A 412 -14.83 -2.55 -19.53
N LEU A 413 -15.00 -1.38 -20.11
CA LEU A 413 -16.28 -0.86 -20.62
C LEU A 413 -16.68 -1.60 -21.91
N LYS A 414 -15.72 -1.94 -22.76
CA LYS A 414 -15.99 -2.38 -24.14
C LYS A 414 -16.99 -3.53 -24.16
N PRO A 415 -18.10 -3.37 -24.88
CA PRO A 415 -19.06 -4.47 -25.02
C PRO A 415 -18.50 -5.71 -25.71
N MET A 416 -19.13 -6.84 -25.46
CA MET A 416 -18.89 -8.13 -26.16
C MET A 416 -20.22 -8.54 -26.77
N ASP A 417 -20.54 -8.04 -27.97
CA ASP A 417 -21.87 -8.26 -28.59
CA ASP A 417 -21.87 -8.18 -28.62
C ASP A 417 -22.97 -7.80 -27.62
N ARG A 418 -23.80 -8.71 -27.10
CA ARG A 418 -24.99 -8.28 -26.29
C ARG A 418 -24.69 -8.38 -24.80
N ILE A 419 -23.40 -8.53 -24.47
CA ILE A 419 -22.92 -8.31 -23.07
C ILE A 419 -22.34 -6.89 -22.97
N PHE A 420 -22.97 -6.06 -22.12
CA PHE A 420 -22.59 -4.66 -21.82
C PHE A 420 -22.03 -4.62 -20.40
N PHE A 421 -21.11 -3.70 -20.18
CA PHE A 421 -20.32 -3.63 -18.92
C PHE A 421 -20.60 -2.29 -18.27
N ALA A 422 -20.88 -2.33 -16.98
CA ALA A 422 -21.12 -1.15 -16.15
C ALA A 422 -20.50 -1.40 -14.77
N GLY A 423 -20.84 -0.54 -13.82
CA GLY A 423 -20.15 -0.47 -12.52
C GLY A 423 -19.14 0.65 -12.44
N GLU A 424 -18.78 1.01 -11.23
CA GLU A 424 -18.02 2.26 -10.98
C GLU A 424 -16.68 2.24 -11.74
N HIS A 425 -16.10 1.07 -11.95
CA HIS A 425 -14.74 0.96 -12.55
C HIS A 425 -14.82 1.15 -14.08
N THR A 426 -16.03 1.27 -14.67
CA THR A 426 -16.17 1.53 -16.14
C THR A 426 -16.47 3.03 -16.44
N ALA A 427 -16.57 3.89 -15.43
CA ALA A 427 -17.15 5.23 -15.58
C ALA A 427 -16.07 6.30 -15.81
N GLU A 428 -16.51 7.43 -16.35
CA GLU A 428 -15.73 8.70 -16.46
C GLU A 428 -15.39 9.17 -15.04
N LEU A 429 -16.38 9.28 -14.15
CA LEU A 429 -16.11 9.55 -12.71
C LEU A 429 -16.10 8.20 -12.02
N ASN A 430 -15.07 7.41 -12.36
CA ASN A 430 -14.92 6.06 -11.75
C ASN A 430 -14.80 6.24 -10.23
N GLY A 431 -15.26 5.25 -9.47
CA GLY A 431 -14.99 5.22 -8.01
C GLY A 431 -15.91 6.14 -7.26
N THR A 432 -17.07 6.46 -7.83
CA THR A 432 -18.09 7.31 -7.18
C THR A 432 -19.46 6.70 -7.42
N VAL A 433 -20.43 7.15 -6.62
CA VAL A 433 -21.85 6.81 -6.84
C VAL A 433 -22.28 7.36 -8.21
N GLU A 434 -21.98 8.61 -8.49
CA GLU A 434 -22.23 9.28 -9.78
C GLU A 434 -21.77 8.38 -10.93
N GLY A 435 -20.55 7.85 -10.85
CA GLY A 435 -20.01 7.05 -11.95
C GLY A 435 -20.75 5.75 -12.10
N ALA A 436 -21.06 5.09 -10.98
CA ALA A 436 -21.84 3.84 -10.99
C ALA A 436 -23.15 4.14 -11.73
N LEU A 437 -23.76 5.28 -11.45
CA LEU A 437 -25.11 5.58 -12.00
C LEU A 437 -24.93 5.86 -13.49
N ALA A 438 -23.96 6.70 -13.87
CA ALA A 438 -23.69 7.02 -15.29
C ALA A 438 -23.41 5.75 -16.08
N SER A 439 -22.70 4.79 -15.50
CA SER A 439 -22.34 3.51 -16.19
C SER A 439 -23.60 2.73 -16.55
N ALA A 440 -24.64 2.82 -15.72
CA ALA A 440 -25.89 2.08 -15.95
C ALA A 440 -26.54 2.70 -17.20
N ILE A 441 -26.57 4.02 -17.30
CA ILE A 441 -27.25 4.69 -18.46
C ILE A 441 -26.53 4.28 -19.74
N ARG A 442 -25.20 4.33 -19.73
CA ARG A 442 -24.43 4.06 -20.97
C ARG A 442 -24.72 2.62 -21.44
N ALA A 443 -24.81 1.66 -20.52
CA ALA A 443 -25.03 0.25 -20.88
C ALA A 443 -26.47 0.13 -21.37
N VAL A 444 -27.42 0.67 -20.61
CA VAL A 444 -28.86 0.43 -20.92
C VAL A 444 -29.15 1.02 -22.29
N ASN A 445 -28.53 2.15 -22.62
CA ASN A 445 -28.77 2.85 -23.91
C ASN A 445 -28.44 1.95 -25.10
N GLN A 446 -27.66 0.90 -24.91
CA GLN A 446 -27.15 0.07 -26.02
C GLN A 446 -28.09 -1.11 -26.26
N VAL A 447 -28.92 -1.43 -25.27
CA VAL A 447 -29.88 -2.56 -25.36
C VAL A 447 -30.93 -2.26 -26.45
N LYS B 36 45.62 6.22 -8.06
CA LYS B 36 44.33 5.88 -8.75
C LYS B 36 43.21 6.14 -7.74
N THR B 37 42.27 7.03 -8.08
CA THR B 37 41.17 7.43 -7.17
C THR B 37 39.86 6.84 -7.69
N VAL B 38 39.10 6.23 -6.79
CA VAL B 38 37.73 5.76 -7.11
C VAL B 38 36.79 6.42 -6.12
N ILE B 39 35.72 6.98 -6.65
CA ILE B 39 34.70 7.66 -5.83
C ILE B 39 33.67 6.61 -5.48
N VAL B 40 33.30 6.54 -4.22
CA VAL B 40 32.14 5.70 -3.82
C VAL B 40 31.07 6.67 -3.30
N MET B 41 29.87 6.59 -3.84
CA MET B 41 28.76 7.46 -3.45
C MET B 41 27.80 6.68 -2.55
N GLY B 42 27.72 7.12 -1.29
CA GLY B 42 26.82 6.53 -0.29
C GLY B 42 27.60 5.68 0.69
N GLY B 43 27.44 5.93 2.01
CA GLY B 43 28.20 5.26 3.08
C GLY B 43 27.33 4.29 3.85
N GLY B 44 26.44 3.57 3.17
CA GLY B 44 25.78 2.41 3.73
C GLY B 44 26.69 1.20 3.63
N ILE B 45 26.19 0.02 3.93
CA ILE B 45 27.12 -1.13 3.99
C ILE B 45 27.67 -1.44 2.59
N SER B 46 26.91 -1.25 1.51
CA SER B 46 27.48 -1.51 0.16
C SER B 46 28.63 -0.55 -0.12
N GLY B 47 28.45 0.75 0.16
CA GLY B 47 29.49 1.78 0.01
C GLY B 47 30.72 1.48 0.87
N LEU B 48 30.47 1.08 2.11
CA LEU B 48 31.55 0.76 3.05
C LEU B 48 32.32 -0.48 2.57
N TYR B 49 31.62 -1.48 2.06
CA TYR B 49 32.28 -2.74 1.65
C TYR B 49 33.05 -2.49 0.34
N ALA B 50 32.47 -1.72 -0.57
CA ALA B 50 33.19 -1.29 -1.80
C ALA B 50 34.49 -0.58 -1.39
N SER B 51 34.39 0.39 -0.50
CA SER B 51 35.54 1.20 -0.03
C SER B 51 36.61 0.26 0.56
N TYR B 52 36.21 -0.70 1.38
CA TYR B 52 37.10 -1.70 2.01
C TYR B 52 37.87 -2.46 0.93
N LEU B 53 37.14 -3.00 -0.05
CA LEU B 53 37.74 -3.88 -1.09
C LEU B 53 38.71 -3.02 -1.90
N LEU B 54 38.30 -1.81 -2.26
CA LEU B 54 39.15 -0.90 -3.08
C LEU B 54 40.43 -0.55 -2.32
N SER B 55 40.31 -0.13 -1.06
N SER B 55 40.31 -0.14 -1.06
CA SER B 55 41.46 0.37 -0.26
CA SER B 55 41.45 0.37 -0.26
C SER B 55 42.51 -0.75 -0.13
C SER B 55 42.50 -0.75 -0.12
N LYS B 56 42.07 -2.01 -0.03
CA LYS B 56 42.98 -3.17 0.14
C LYS B 56 43.89 -3.33 -1.09
N THR B 57 43.47 -2.87 -2.27
CA THR B 57 44.27 -2.96 -3.52
C THR B 57 45.07 -1.67 -3.77
N GLY B 58 45.14 -0.78 -2.78
CA GLY B 58 45.96 0.44 -2.81
C GLY B 58 45.30 1.56 -3.60
N ILE B 59 44.01 1.44 -3.89
CA ILE B 59 43.23 2.54 -4.50
C ILE B 59 42.87 3.57 -3.43
N LYS B 60 42.97 4.85 -3.80
CA LYS B 60 42.55 5.99 -2.96
C LYS B 60 41.04 6.11 -3.12
N VAL B 61 40.30 6.00 -2.03
CA VAL B 61 38.82 6.05 -2.14
C VAL B 61 38.34 7.40 -1.65
N GLN B 62 37.41 8.00 -2.38
CA GLN B 62 36.70 9.23 -1.96
C GLN B 62 35.28 8.77 -1.70
N LEU B 63 34.91 8.65 -0.43
CA LEU B 63 33.59 8.16 0.00
C LEU B 63 32.73 9.39 0.33
N ILE B 64 31.60 9.51 -0.33
CA ILE B 64 30.73 10.71 -0.22
C ILE B 64 29.41 10.26 0.40
N GLU B 65 29.09 10.76 1.59
CA GLU B 65 27.89 10.40 2.40
C GLU B 65 27.04 11.64 2.60
N ALA B 66 25.76 11.49 2.33
CA ALA B 66 24.74 12.56 2.45
C ALA B 66 24.48 12.96 3.90
N THR B 67 24.56 12.04 4.86
CA THR B 67 24.16 12.33 6.25
C THR B 67 25.42 12.46 7.11
N ASP B 68 25.24 12.57 8.42
CA ASP B 68 26.36 12.80 9.36
C ASP B 68 26.82 11.47 9.95
N ARG B 69 26.47 10.34 9.35
CA ARG B 69 26.77 9.00 9.91
C ARG B 69 26.93 7.99 8.77
N LEU B 70 27.77 6.97 8.99
CA LEU B 70 27.94 5.86 8.05
C LEU B 70 27.09 4.71 8.54
N GLY B 71 26.61 3.91 7.59
CA GLY B 71 25.88 2.68 7.93
C GLY B 71 24.53 2.62 7.25
N GLY B 72 23.99 3.76 6.83
CA GLY B 72 22.72 3.84 6.07
C GLY B 72 21.57 3.13 6.80
N ARG B 73 21.00 2.09 6.20
CA ARG B 73 19.83 1.35 6.75
C ARG B 73 20.27 0.40 7.88
N ILE B 74 21.53 0.47 8.33
CA ILE B 74 22.00 -0.25 9.53
C ILE B 74 22.27 0.79 10.61
N ARG B 75 21.70 0.56 11.77
CA ARG B 75 21.92 1.43 12.93
C ARG B 75 21.66 0.61 14.19
N THR B 76 22.65 0.59 15.06
CA THR B 76 22.56 -0.09 16.37
C THR B 76 22.67 0.93 17.49
N VAL B 77 21.77 0.85 18.45
CA VAL B 77 21.83 1.58 19.73
C VAL B 77 22.33 0.63 20.81
N THR B 78 23.34 1.06 21.55
CA THR B 78 23.79 0.31 22.73
C THR B 78 22.91 0.76 23.89
N ASP B 79 22.06 -0.10 24.41
CA ASP B 79 21.25 0.28 25.59
C ASP B 79 22.13 0.14 26.84
N VAL B 80 21.78 0.92 27.84
CA VAL B 80 22.50 1.01 29.14
C VAL B 80 22.54 -0.39 29.79
N SER B 81 21.62 -1.31 29.45
CA SER B 81 21.54 -2.73 29.91
C SER B 81 22.70 -3.56 29.37
N GLY B 82 23.32 -3.11 28.26
CA GLY B 82 24.35 -3.86 27.54
C GLY B 82 23.75 -4.61 26.36
N ASN B 83 22.43 -4.51 26.19
CA ASN B 83 21.75 -5.13 25.02
C ASN B 83 21.93 -4.21 23.82
N PHE B 84 21.99 -4.78 22.61
CA PHE B 84 22.21 -4.03 21.36
C PHE B 84 20.90 -4.01 20.58
N LEU B 85 20.43 -2.84 20.20
CA LEU B 85 19.09 -2.64 19.58
C LEU B 85 19.33 -2.35 18.10
N ASP B 86 18.91 -3.23 17.21
CA ASP B 86 19.15 -2.97 15.77
C ASP B 86 17.92 -2.25 15.24
N LEU B 87 17.99 -0.92 15.11
CA LEU B 87 16.86 -0.08 14.62
C LEU B 87 16.75 -0.24 13.10
N GLY B 88 17.84 -0.63 12.42
CA GLY B 88 17.80 -1.03 11.00
C GLY B 88 17.88 -2.54 10.83
N ALA B 89 18.65 -3.01 9.82
CA ALA B 89 18.82 -4.45 9.53
C ALA B 89 19.33 -5.16 10.78
N GLU B 90 18.71 -6.29 11.07
CA GLU B 90 18.99 -6.99 12.34
C GLU B 90 19.47 -8.40 12.05
N TRP B 91 18.94 -9.05 11.01
CA TRP B 91 19.27 -10.49 10.82
C TRP B 91 19.98 -10.73 9.51
N ILE B 92 20.84 -11.74 9.46
CA ILE B 92 21.15 -12.42 8.16
C ILE B 92 20.59 -13.83 8.22
N GLN B 93 20.63 -14.52 7.09
CA GLN B 93 20.29 -15.96 7.02
C GLN B 93 21.57 -16.78 7.22
N ALA B 94 21.49 -17.98 7.78
CA ALA B 94 22.73 -18.75 8.03
C ALA B 94 23.46 -19.04 6.71
N GLU B 95 22.76 -19.12 5.59
CA GLU B 95 23.34 -19.45 4.27
C GLU B 95 23.74 -18.21 3.46
N HIS B 96 23.70 -17.03 4.04
CA HIS B 96 24.21 -15.79 3.37
C HIS B 96 25.74 -15.79 3.36
N ARG B 97 26.31 -16.27 2.26
CA ARG B 97 27.76 -16.53 2.08
C ARG B 97 28.60 -15.26 2.13
N THR B 98 28.17 -14.19 1.46
CA THR B 98 28.98 -12.94 1.47
C THR B 98 29.12 -12.41 2.89
N ALA B 99 28.02 -12.29 3.62
CA ALA B 99 27.98 -11.81 5.00
C ALA B 99 28.80 -12.73 5.91
N LYS B 100 28.60 -14.04 5.81
CA LYS B 100 29.27 -15.01 6.71
C LYS B 100 30.78 -14.95 6.45
N SER B 101 31.19 -14.84 5.18
CA SER B 101 32.63 -14.76 4.80
C SER B 101 33.22 -13.45 5.33
N LEU B 102 32.55 -12.32 5.13
CA LEU B 102 33.05 -11.02 5.64
C LEU B 102 33.09 -11.00 7.17
N ILE B 103 32.07 -11.55 7.83
CA ILE B 103 32.05 -11.59 9.31
C ILE B 103 33.29 -12.37 9.79
N ARG B 104 33.59 -13.51 9.17
CA ARG B 104 34.78 -14.34 9.51
C ARG B 104 36.07 -13.54 9.26
N GLU B 105 36.20 -12.99 8.05
CA GLU B 105 37.37 -12.16 7.63
C GLU B 105 37.67 -11.06 8.67
N LEU B 106 36.64 -10.44 9.24
CA LEU B 106 36.78 -9.26 10.14
C LEU B 106 36.87 -9.69 11.60
N GLY B 107 36.87 -11.00 11.87
CA GLY B 107 37.02 -11.55 13.24
C GLY B 107 35.78 -11.32 14.08
N LEU B 108 34.59 -11.11 13.48
CA LEU B 108 33.32 -10.89 14.23
C LEU B 108 32.65 -12.25 14.47
N LYS B 109 31.54 -12.22 15.20
CA LYS B 109 30.79 -13.43 15.61
C LYS B 109 29.30 -13.23 15.37
N THR B 110 28.62 -14.33 15.03
CA THR B 110 27.14 -14.38 14.88
C THR B 110 26.52 -15.20 16.01
N THR B 111 25.23 -14.98 16.24
CA THR B 111 24.41 -15.70 17.23
C THR B 111 23.19 -16.22 16.48
N ASP B 112 22.74 -17.40 16.87
CA ASP B 112 21.56 -18.00 16.22
C ASP B 112 20.35 -17.31 16.85
N PHE B 113 19.37 -17.00 16.04
CA PHE B 113 18.10 -16.39 16.47
C PHE B 113 16.99 -17.33 16.10
N GLU B 114 16.36 -17.94 17.10
CA GLU B 114 15.37 -19.01 16.82
C GLU B 114 14.08 -18.35 16.36
N VAL B 115 13.58 -18.77 15.20
CA VAL B 115 12.30 -18.25 14.63
C VAL B 115 11.20 -19.24 14.92
N GLN B 116 10.36 -18.94 15.91
CA GLN B 116 9.17 -19.74 16.26
C GLN B 116 8.08 -18.74 16.59
N SER B 117 7.33 -18.32 15.56
CA SER B 117 6.46 -17.14 15.61
C SER B 117 5.00 -17.56 15.76
N ASP B 118 4.36 -17.03 16.78
CA ASP B 118 2.90 -17.16 16.92
C ASP B 118 2.21 -16.20 15.97
N LEU B 119 0.88 -16.33 15.86
CA LEU B 119 0.09 -15.41 15.05
C LEU B 119 -1.19 -15.08 15.81
N PHE B 120 -1.49 -13.80 15.99
CA PHE B 120 -2.85 -13.38 16.39
C PHE B 120 -3.62 -12.95 15.15
N PHE B 121 -4.55 -13.80 14.72
CA PHE B 121 -5.45 -13.47 13.60
C PHE B 121 -6.77 -14.19 13.85
N GLY B 122 -7.81 -13.44 14.24
CA GLY B 122 -9.08 -13.99 14.73
C GLY B 122 -8.92 -14.53 16.15
N SER B 123 -7.97 -15.45 16.35
CA SER B 123 -7.57 -16.01 17.66
C SER B 123 -6.05 -16.16 17.72
N TYR B 124 -5.54 -16.50 18.89
CA TYR B 124 -4.10 -16.78 19.13
C TYR B 124 -3.78 -18.13 18.52
N ARG B 125 -2.87 -18.14 17.55
CA ARG B 125 -2.43 -19.38 16.88
C ARG B 125 -0.98 -19.64 17.29
N LYS B 126 -0.74 -20.75 17.97
CA LYS B 126 0.62 -21.17 18.41
C LYS B 126 1.57 -21.30 17.22
N PHE B 127 2.83 -20.96 17.43
CA PHE B 127 3.91 -21.18 16.46
C PHE B 127 3.82 -22.60 15.89
N GLY B 128 4.11 -22.72 14.60
CA GLY B 128 4.21 -24.02 13.91
C GLY B 128 2.85 -24.54 13.44
N THR B 129 1.76 -23.82 13.69
CA THR B 129 0.38 -24.37 13.51
C THR B 129 -0.45 -23.57 12.54
N TRP B 130 0.04 -22.50 11.92
CA TRP B 130 -0.84 -21.62 11.13
C TRP B 130 -0.44 -21.48 9.65
N ASP B 131 0.38 -22.32 9.10
CA ASP B 131 0.74 -22.19 7.66
C ASP B 131 -0.50 -22.52 6.80
N ILE B 132 -0.43 -22.13 5.54
CA ILE B 132 -1.48 -22.44 4.55
C ILE B 132 -1.55 -23.98 4.45
N SER B 133 -2.64 -24.53 3.90
CA SER B 133 -2.86 -26.01 3.80
C SER B 133 -1.84 -26.64 2.87
N PRO B 134 -1.47 -27.93 3.05
CA PRO B 134 -0.48 -28.56 2.17
C PRO B 134 -0.90 -28.47 0.70
N LYS B 135 -2.20 -28.44 0.39
CA LYS B 135 -2.68 -28.44 -1.03
C LYS B 135 -2.52 -27.02 -1.61
N SER B 136 -2.80 -25.99 -0.81
CA SER B 136 -2.60 -24.57 -1.14
C SER B 136 -1.10 -24.28 -1.37
N GLN B 137 -0.25 -24.92 -0.59
CA GLN B 137 1.24 -24.87 -0.71
C GLN B 137 1.64 -25.52 -2.04
N GLU B 138 0.96 -26.62 -2.43
CA GLU B 138 1.24 -27.35 -3.71
C GLU B 138 0.94 -26.41 -4.89
N ILE B 139 -0.15 -25.69 -4.85
CA ILE B 139 -0.47 -24.66 -5.88
C ILE B 139 0.65 -23.64 -5.92
N LEU B 140 1.11 -23.17 -4.76
CA LEU B 140 2.20 -22.14 -4.73
C LEU B 140 3.48 -22.77 -5.30
N ASN B 141 3.85 -23.97 -4.89
CA ASN B 141 5.08 -24.63 -5.40
C ASN B 141 4.98 -24.76 -6.92
N LYS B 142 3.82 -25.14 -7.45
CA LYS B 142 3.64 -25.28 -8.91
C LYS B 142 3.91 -23.94 -9.62
N LEU B 143 3.39 -22.85 -9.07
CA LEU B 143 3.57 -21.51 -9.69
C LEU B 143 5.03 -21.07 -9.56
N VAL B 144 5.70 -21.41 -8.47
CA VAL B 144 7.15 -21.07 -8.30
C VAL B 144 7.96 -21.81 -9.36
N GLN B 145 7.65 -23.09 -9.57
CA GLN B 145 8.40 -23.92 -10.54
C GLN B 145 8.08 -23.42 -11.95
N MET B 146 6.85 -23.03 -12.19
CA MET B 146 6.43 -22.48 -13.49
C MET B 146 7.24 -21.24 -13.80
N ASN B 147 7.37 -20.32 -12.82
CA ASN B 147 8.13 -19.07 -13.07
C ASN B 147 9.60 -19.42 -13.34
N SER B 148 10.13 -20.46 -12.70
CA SER B 148 11.53 -20.89 -12.95
C SER B 148 11.75 -21.45 -14.36
N LYS B 149 10.72 -21.99 -15.01
CA LYS B 149 10.81 -22.74 -16.28
C LYS B 149 10.50 -21.88 -17.49
N ILE B 150 9.56 -20.91 -17.37
CA ILE B 150 9.11 -20.07 -18.52
C ILE B 150 10.25 -19.15 -19.03
N ASN B 151 10.15 -18.70 -20.28
CA ASN B 151 11.13 -17.81 -20.94
C ASN B 151 10.90 -16.33 -20.52
N SER B 152 11.79 -15.42 -20.92
CA SER B 152 11.75 -13.99 -20.48
C SER B 152 10.46 -13.33 -20.96
N THR B 153 9.96 -13.68 -22.14
CA THR B 153 8.71 -13.08 -22.68
C THR B 153 7.54 -13.44 -21.77
N GLN B 154 7.46 -14.70 -21.37
CA GLN B 154 6.41 -15.21 -20.47
C GLN B 154 6.54 -14.52 -19.11
N GLN B 155 7.77 -14.36 -18.64
CA GLN B 155 8.01 -13.68 -17.34
C GLN B 155 7.55 -12.23 -17.39
N GLN B 156 7.82 -11.51 -18.50
CA GLN B 156 7.36 -10.11 -18.70
C GLN B 156 5.84 -10.10 -18.61
N GLU B 157 5.16 -11.13 -19.14
CA GLU B 157 3.68 -11.13 -19.13
C GLU B 157 3.20 -11.34 -17.69
N LEU B 158 3.78 -12.30 -16.99
CA LEU B 158 3.37 -12.64 -15.61
C LEU B 158 3.60 -11.42 -14.71
N ASP B 159 4.58 -10.62 -15.06
CA ASP B 159 4.98 -9.43 -14.27
C ASP B 159 3.96 -8.29 -14.38
N ARG B 160 2.98 -8.41 -15.27
CA ARG B 160 1.96 -7.34 -15.43
C ARG B 160 0.93 -7.35 -14.29
N ILE B 161 0.96 -8.37 -13.43
CA ILE B 161 -0.12 -8.71 -12.46
C ILE B 161 0.51 -8.68 -11.08
N SER B 162 -0.25 -8.30 -10.07
CA SER B 162 0.23 -8.38 -8.67
C SER B 162 0.24 -9.86 -8.23
N PHE B 163 1.10 -10.18 -7.28
CA PHE B 163 1.17 -11.53 -6.70
C PHE B 163 -0.22 -11.85 -6.11
N TYR B 164 -0.83 -10.87 -5.44
CA TYR B 164 -2.15 -11.09 -4.83
C TYR B 164 -3.18 -11.47 -5.91
N ASN B 165 -3.28 -10.68 -6.96
CA ASN B 165 -4.36 -10.90 -7.95
C ASN B 165 -4.09 -12.20 -8.69
N PHE B 166 -2.82 -12.51 -8.94
CA PHE B 166 -2.41 -13.72 -9.68
C PHE B 166 -2.78 -14.96 -8.86
N LEU B 167 -2.47 -14.97 -7.58
CA LEU B 167 -2.81 -16.11 -6.69
C LEU B 167 -4.33 -16.20 -6.53
N ASN B 168 -5.07 -15.08 -6.43
CA ASN B 168 -6.54 -15.15 -6.28
C ASN B 168 -7.11 -15.78 -7.56
N TYR B 169 -6.60 -15.34 -8.71
CA TYR B 169 -7.02 -15.89 -10.02
C TYR B 169 -6.73 -17.41 -10.06
N GLN B 170 -5.63 -17.87 -9.45
CA GLN B 170 -5.18 -19.28 -9.49
C GLN B 170 -5.89 -20.09 -8.39
N GLY B 171 -6.78 -19.45 -7.64
CA GLY B 171 -7.76 -20.12 -6.77
C GLY B 171 -7.31 -20.15 -5.31
N MET B 172 -6.26 -19.45 -4.93
CA MET B 172 -5.88 -19.32 -3.51
C MET B 172 -6.92 -18.44 -2.79
N SER B 173 -7.37 -18.87 -1.61
CA SER B 173 -8.39 -18.16 -0.81
C SER B 173 -7.78 -16.84 -0.33
N LEU B 174 -8.67 -15.87 -0.01
CA LEU B 174 -8.32 -14.62 0.70
C LEU B 174 -7.65 -15.02 2.04
N GLU B 175 -8.13 -16.07 2.73
CA GLU B 175 -7.54 -16.49 4.04
C GLU B 175 -6.06 -16.86 3.84
N ASP B 176 -5.77 -17.66 2.82
CA ASP B 176 -4.39 -18.14 2.59
C ASP B 176 -3.52 -16.93 2.17
N LEU B 177 -4.06 -16.04 1.34
CA LEU B 177 -3.26 -14.86 0.92
C LEU B 177 -2.91 -14.00 2.14
N ASN B 178 -3.82 -13.87 3.10
CA ASN B 178 -3.54 -13.08 4.33
CA ASN B 178 -3.55 -13.09 4.33
C ASN B 178 -2.43 -13.75 5.14
N ILE B 179 -2.40 -15.09 5.19
CA ILE B 179 -1.32 -15.80 5.90
C ILE B 179 0.02 -15.53 5.20
N LEU B 180 0.05 -15.64 3.88
CA LEU B 180 1.29 -15.34 3.13
C LEU B 180 1.72 -13.90 3.39
N ASN B 181 0.79 -12.98 3.50
CA ASN B 181 1.12 -11.56 3.77
C ASN B 181 1.85 -11.43 5.11
N PHE B 182 1.45 -12.18 6.12
CA PHE B 182 2.21 -12.19 7.40
C PHE B 182 3.57 -12.82 7.16
N LYS B 183 3.61 -14.00 6.53
CA LYS B 183 4.88 -14.79 6.37
C LYS B 183 5.96 -13.96 5.64
N TYR B 184 5.59 -13.11 4.68
CA TYR B 184 6.55 -12.39 3.81
C TYR B 184 6.83 -10.99 4.35
N SER B 185 6.11 -10.57 5.39
CA SER B 185 6.07 -9.15 5.83
C SER B 185 7.42 -8.63 6.29
N LEU B 186 8.26 -9.42 6.94
CA LEU B 186 9.51 -8.85 7.50
C LEU B 186 10.50 -8.59 6.37
N TYR B 187 10.29 -9.19 5.21
CA TYR B 187 11.17 -8.95 4.03
C TYR B 187 10.60 -7.77 3.24
N TYR B 188 9.40 -7.89 2.71
CA TYR B 188 8.86 -6.88 1.77
C TYR B 188 8.44 -5.59 2.49
N GLY B 189 7.86 -5.71 3.68
CA GLY B 189 7.37 -4.56 4.42
C GLY B 189 6.20 -3.89 3.72
N ASP B 190 5.46 -4.61 2.88
CA ASP B 190 4.29 -4.05 2.17
C ASP B 190 3.42 -5.22 1.72
N SER B 191 2.18 -4.91 1.39
CA SER B 191 1.14 -5.86 0.96
C SER B 191 1.53 -6.55 -0.35
N LEU B 192 1.17 -7.82 -0.45
CA LEU B 192 1.29 -8.57 -1.72
C LEU B 192 0.47 -7.92 -2.84
N ARG B 193 -0.51 -7.06 -2.53
CA ARG B 193 -1.26 -6.30 -3.57
C ARG B 193 -0.36 -5.30 -4.32
N SER B 194 0.85 -5.01 -3.82
CA SER B 194 1.79 -3.97 -4.33
C SER B 194 2.85 -4.57 -5.22
N LEU B 195 3.03 -5.89 -5.17
CA LEU B 195 4.24 -6.56 -5.68
C LEU B 195 3.94 -7.32 -6.97
N SER B 196 4.90 -7.28 -7.91
CA SER B 196 4.88 -8.11 -9.12
C SER B 196 4.69 -9.58 -8.71
N ALA B 197 3.73 -10.26 -9.31
CA ALA B 197 3.62 -11.73 -9.23
C ALA B 197 4.96 -12.40 -9.59
N GLN B 198 5.60 -11.98 -10.67
CA GLN B 198 6.84 -12.58 -11.23
C GLN B 198 7.98 -12.42 -10.20
N LYS B 199 8.11 -11.25 -9.59
CA LYS B 199 9.20 -10.97 -8.65
C LYS B 199 9.00 -11.86 -7.42
N VAL B 200 7.78 -11.90 -6.88
CA VAL B 200 7.51 -12.67 -5.64
C VAL B 200 7.75 -14.15 -5.94
N LEU B 201 7.30 -14.68 -7.08
CA LEU B 201 7.54 -16.11 -7.38
C LEU B 201 9.02 -16.39 -7.59
N SER B 202 9.77 -15.43 -8.11
CA SER B 202 11.23 -15.51 -8.26
C SER B 202 11.86 -15.54 -6.87
N ASP B 203 11.39 -14.69 -5.95
CA ASP B 203 11.98 -14.57 -4.60
C ASP B 203 11.75 -15.88 -3.81
N LEU B 204 10.67 -16.58 -4.11
CA LEU B 204 10.24 -17.76 -3.31
C LEU B 204 11.11 -18.98 -3.63
N VAL B 205 11.99 -18.92 -4.61
CA VAL B 205 13.00 -20.00 -4.79
C VAL B 205 13.91 -20.06 -3.57
N ASN B 206 14.26 -18.90 -3.00
CA ASN B 206 15.27 -18.82 -1.91
C ASN B 206 14.83 -17.67 -1.00
N PHE B 207 13.67 -17.81 -0.39
CA PHE B 207 13.06 -16.71 0.42
C PHE B 207 13.90 -16.43 1.64
N PRO B 208 14.15 -15.15 1.95
CA PRO B 208 14.97 -14.81 3.09
C PRO B 208 14.39 -15.33 4.40
N LYS B 209 15.27 -15.90 5.22
CA LYS B 209 14.99 -16.22 6.64
C LYS B 209 15.91 -15.42 7.56
N TYR B 210 15.34 -14.95 8.65
CA TYR B 210 15.98 -13.92 9.51
C TYR B 210 16.33 -14.64 10.79
N ASN B 211 17.44 -15.38 10.77
CA ASN B 211 17.68 -16.38 11.86
C ASN B 211 19.09 -16.29 12.43
N THR B 212 19.83 -15.24 12.13
CA THR B 212 21.25 -15.07 12.54
C THR B 212 21.45 -13.60 12.84
N ARG B 213 22.08 -13.27 13.96
CA ARG B 213 22.40 -11.87 14.32
C ARG B 213 23.92 -11.74 14.49
N VAL B 214 24.42 -10.53 14.42
CA VAL B 214 25.86 -10.22 14.63
C VAL B 214 26.03 -9.85 16.09
N GLU B 215 27.01 -10.45 16.77
CA GLU B 215 27.31 -10.09 18.17
C GLU B 215 27.77 -8.62 18.23
N GLY B 216 27.10 -7.80 19.03
CA GLY B 216 27.39 -6.35 19.12
C GLY B 216 26.48 -5.56 18.20
N GLY B 217 25.57 -6.27 17.50
CA GLY B 217 24.56 -5.66 16.66
C GLY B 217 25.12 -5.45 15.28
N MET B 218 24.26 -5.23 14.31
CA MET B 218 24.67 -5.22 12.89
C MET B 218 25.63 -4.05 12.65
N GLU B 219 25.60 -3.01 13.51
CA GLU B 219 26.53 -1.88 13.31
C GLU B 219 27.95 -2.29 13.69
N THR B 220 28.16 -3.42 14.36
CA THR B 220 29.54 -3.91 14.56
C THR B 220 30.18 -4.19 13.20
N LEU B 221 29.38 -4.69 12.26
CA LEU B 221 29.93 -5.04 10.92
C LEU B 221 30.30 -3.75 10.18
N THR B 222 29.41 -2.78 10.15
CA THR B 222 29.69 -1.48 9.45
C THR B 222 30.91 -0.82 10.11
N ARG B 223 30.99 -0.84 11.41
CA ARG B 223 32.10 -0.16 12.10
C ARG B 223 33.42 -0.90 11.82
N ALA B 224 33.38 -2.23 11.71
CA ALA B 224 34.59 -3.04 11.45
C ALA B 224 35.12 -2.67 10.07
N LEU B 225 34.24 -2.49 9.11
CA LEU B 225 34.65 -2.02 7.76
C LEU B 225 35.31 -0.64 7.91
N VAL B 226 34.68 0.29 8.63
CA VAL B 226 35.21 1.69 8.75
C VAL B 226 36.62 1.66 9.37
N SER B 227 36.79 0.91 10.47
CA SER B 227 38.04 0.72 11.25
C SER B 227 39.16 0.17 10.35
N SER B 228 38.82 -0.49 9.25
CA SER B 228 39.77 -1.21 8.34
C SER B 228 40.03 -0.46 7.04
N LEU B 229 39.38 0.69 6.76
CA LEU B 229 39.68 1.44 5.52
C LEU B 229 41.05 2.08 5.68
N GLU B 230 41.86 2.08 4.64
CA GLU B 230 43.12 2.89 4.66
C GLU B 230 43.06 3.77 3.41
N ASN B 231 43.57 5.00 3.48
CA ASN B 231 43.68 5.87 2.27
C ASN B 231 42.27 6.22 1.78
N THR B 232 41.31 6.33 2.70
CA THR B 232 39.91 6.70 2.34
C THR B 232 39.60 8.06 2.94
N GLU B 233 39.32 9.04 2.08
CA GLU B 233 38.76 10.35 2.49
C GLU B 233 37.23 10.20 2.53
N ILE B 234 36.65 10.48 3.69
CA ILE B 234 35.18 10.47 3.84
C ILE B 234 34.66 11.90 3.93
N ILE B 235 33.71 12.23 3.06
CA ILE B 235 32.94 13.50 3.11
C ILE B 235 31.58 13.18 3.73
N PHE B 236 31.26 13.86 4.81
CA PHE B 236 29.95 13.75 5.50
C PHE B 236 29.05 14.93 5.18
N SER B 237 27.75 14.70 5.34
CA SER B 237 26.72 15.76 5.34
C SER B 237 26.85 16.57 4.05
N ASP B 238 27.12 15.92 2.92
CA ASP B 238 27.34 16.70 1.68
C ASP B 238 26.87 15.87 0.50
N PRO B 239 25.55 15.77 0.31
CA PRO B 239 25.03 14.92 -0.76
C PRO B 239 25.56 15.21 -2.16
N VAL B 240 25.65 14.14 -2.95
CA VAL B 240 25.94 14.22 -4.40
C VAL B 240 24.73 14.88 -5.06
N VAL B 241 24.96 15.90 -5.89
CA VAL B 241 23.89 16.57 -6.67
C VAL B 241 24.10 16.38 -8.18
N SER B 242 25.31 16.11 -8.62
CA SER B 242 25.57 15.91 -10.08
C SER B 242 26.78 15.00 -10.27
N VAL B 243 26.78 14.34 -11.41
CA VAL B 243 27.82 13.38 -11.83
C VAL B 243 28.03 13.63 -13.32
N SER B 244 29.26 13.84 -13.71
CA SER B 244 29.64 13.90 -15.14
C SER B 244 30.77 12.91 -15.43
N GLN B 245 30.83 12.46 -16.67
CA GLN B 245 31.87 11.55 -17.13
C GLN B 245 32.31 11.99 -18.52
N GLY B 246 33.62 12.01 -18.74
CA GLY B 246 34.17 12.33 -20.07
C GLY B 246 35.65 12.57 -19.96
N GLU B 247 36.38 12.43 -21.08
CA GLU B 247 37.83 12.74 -21.11
C GLU B 247 38.56 11.83 -20.11
N GLY B 248 38.09 10.59 -19.90
CA GLY B 248 38.64 9.58 -18.99
C GLY B 248 38.49 9.91 -17.51
N LYS B 249 37.57 10.79 -17.12
CA LYS B 249 37.38 11.24 -15.70
C LYS B 249 35.89 11.10 -15.35
N VAL B 250 35.58 10.79 -14.09
CA VAL B 250 34.27 11.01 -13.46
C VAL B 250 34.41 12.17 -12.48
N ILE B 251 33.49 13.13 -12.56
CA ILE B 251 33.49 14.31 -11.66
C ILE B 251 32.16 14.31 -10.92
N VAL B 252 32.24 14.24 -9.61
CA VAL B 252 31.02 14.29 -8.76
C VAL B 252 30.99 15.60 -8.01
N THR B 253 29.85 16.30 -8.07
CA THR B 253 29.67 17.60 -7.39
C THR B 253 28.68 17.38 -6.26
N THR B 254 28.95 17.96 -5.11
CA THR B 254 28.08 17.88 -3.92
C THR B 254 27.32 19.20 -3.79
N VAL B 255 26.39 19.21 -2.85
CA VAL B 255 25.51 20.35 -2.51
C VAL B 255 26.36 21.56 -2.20
N SER B 256 27.50 21.33 -1.52
CA SER B 256 28.40 22.43 -1.06
C SER B 256 29.14 23.01 -2.27
N GLY B 257 29.11 22.37 -3.43
CA GLY B 257 29.92 22.86 -4.57
C GLY B 257 31.25 22.15 -4.72
N LYS B 258 31.61 21.29 -3.79
CA LYS B 258 32.84 20.48 -3.88
C LYS B 258 32.77 19.57 -5.11
N LYS B 259 33.85 19.57 -5.90
CA LYS B 259 34.04 18.77 -7.12
C LYS B 259 35.06 17.69 -6.77
N ILE B 260 34.68 16.43 -6.92
CA ILE B 260 35.60 15.30 -6.65
C ILE B 260 35.79 14.55 -7.95
N GLU B 261 37.04 14.24 -8.30
CA GLU B 261 37.36 13.57 -9.57
C GLU B 261 37.88 12.16 -9.30
N GLY B 262 37.57 11.22 -10.18
CA GLY B 262 38.13 9.86 -10.11
C GLY B 262 38.23 9.23 -11.48
N ASN B 263 38.94 8.11 -11.48
CA ASN B 263 39.11 7.19 -12.62
C ASN B 263 37.85 6.35 -12.76
N ALA B 264 37.12 6.13 -11.66
CA ALA B 264 35.87 5.35 -11.67
C ALA B 264 34.99 5.86 -10.53
N CYS B 265 33.72 5.49 -10.60
CA CYS B 265 32.78 5.83 -9.53
C CYS B 265 31.88 4.62 -9.27
N ILE B 266 31.62 4.29 -8.02
CA ILE B 266 30.59 3.26 -7.69
C ILE B 266 29.43 3.97 -6.98
N SER B 267 28.28 3.99 -7.61
CA SER B 267 27.03 4.48 -7.00
C SER B 267 26.44 3.40 -6.10
N THR B 268 26.20 3.70 -4.83
CA THR B 268 25.39 2.83 -3.96
C THR B 268 24.08 3.55 -3.64
N LEU B 269 23.76 4.60 -4.36
CA LEU B 269 22.63 5.47 -3.99
C LEU B 269 21.30 4.79 -4.21
N PRO B 270 20.28 5.15 -3.40
CA PRO B 270 18.93 4.63 -3.58
C PRO B 270 18.34 5.22 -4.87
N ALA B 271 17.32 4.53 -5.36
CA ALA B 271 16.72 4.77 -6.68
C ALA B 271 16.19 6.19 -6.78
N ASN B 272 15.58 6.74 -5.74
CA ASN B 272 14.99 8.10 -5.84
C ASN B 272 16.14 9.10 -6.09
N GLN B 273 17.32 8.89 -5.50
CA GLN B 273 18.47 9.81 -5.67
C GLN B 273 19.05 9.67 -7.09
N LEU B 274 18.96 8.51 -7.71
CA LEU B 274 19.47 8.38 -9.10
C LEU B 274 18.66 9.34 -10.01
N THR B 275 17.40 9.55 -9.71
CA THR B 275 16.51 10.32 -10.63
C THR B 275 16.63 11.81 -10.35
N THR B 276 16.99 12.23 -9.14
CA THR B 276 17.04 13.68 -8.84
C THR B 276 18.48 14.21 -9.00
N ILE B 277 19.53 13.38 -8.94
CA ILE B 277 20.91 13.81 -9.33
C ILE B 277 20.90 14.14 -10.82
N GLN B 278 21.67 15.12 -11.23
CA GLN B 278 21.85 15.53 -12.64
C GLN B 278 23.07 14.78 -13.18
N TRP B 279 22.85 14.02 -14.23
CA TRP B 279 23.90 13.21 -14.88
C TRP B 279 24.24 13.83 -16.23
N ASP B 280 25.52 13.88 -16.54
CA ASP B 280 26.02 14.33 -17.87
C ASP B 280 27.14 13.40 -18.32
N PRO B 281 26.88 12.52 -19.31
CA PRO B 281 25.58 12.47 -19.99
C PRO B 281 24.48 11.83 -19.13
N GLU B 282 23.23 11.98 -19.58
CA GLU B 282 22.01 11.49 -18.89
C GLU B 282 22.13 9.96 -18.66
N LEU B 283 21.53 9.48 -17.59
CA LEU B 283 21.39 8.03 -17.37
C LEU B 283 20.71 7.40 -18.59
N ASP B 284 21.10 6.15 -18.85
CA ASP B 284 20.44 5.29 -19.84
C ASP B 284 18.93 5.34 -19.58
N LYS B 285 18.12 5.38 -20.65
CA LYS B 285 16.66 5.48 -20.57
C LYS B 285 16.08 4.36 -19.70
N GLU B 286 16.54 3.11 -19.84
CA GLU B 286 15.97 1.97 -19.07
C GLU B 286 16.40 2.08 -17.60
N LYS B 287 17.60 2.57 -17.34
CA LYS B 287 18.08 2.73 -15.94
C LYS B 287 17.22 3.79 -15.24
N LYS B 288 16.99 4.91 -15.90
CA LYS B 288 16.16 5.98 -15.30
C LYS B 288 14.73 5.48 -15.04
N LEU B 289 14.12 4.82 -16.02
CA LEU B 289 12.73 4.34 -15.85
C LEU B 289 12.73 3.36 -14.68
N SER B 290 13.76 2.51 -14.61
CA SER B 290 13.83 1.43 -13.61
C SER B 290 13.92 2.07 -12.23
N ALA B 291 14.72 3.13 -12.10
CA ALA B 291 14.83 3.87 -10.81
C ALA B 291 13.45 4.44 -10.45
N LEU B 292 12.72 4.96 -11.44
CA LEU B 292 11.37 5.55 -11.18
C LEU B 292 10.33 4.46 -10.82
N ARG B 293 10.52 3.20 -11.19
CA ARG B 293 9.54 2.12 -10.91
C ARG B 293 9.69 1.64 -9.48
N ILE B 294 10.86 1.81 -8.87
CA ILE B 294 11.12 1.24 -7.52
C ILE B 294 10.19 1.92 -6.52
N ARG B 295 9.58 1.14 -5.65
CA ARG B 295 8.77 1.65 -4.53
C ARG B 295 9.41 1.15 -3.25
N TYR B 296 9.90 2.05 -2.40
CA TYR B 296 10.58 1.63 -1.17
C TYR B 296 9.50 1.29 -0.13
N SER B 297 9.63 0.16 0.49
CA SER B 297 8.70 -0.25 1.57
C SER B 297 8.98 0.57 2.83
N ARG B 298 8.14 0.44 3.82
CA ARG B 298 8.14 1.32 5.02
C ARG B 298 8.13 0.39 6.22
N ILE B 299 9.27 0.30 6.87
CA ILE B 299 9.55 -0.64 7.98
C ILE B 299 9.94 0.20 9.20
N TYR B 300 9.15 0.15 10.24
CA TYR B 300 9.33 0.97 11.46
C TYR B 300 9.67 0.03 12.62
N LYS B 301 10.69 0.35 13.40
CA LYS B 301 11.18 -0.52 14.50
C LYS B 301 11.11 0.26 15.80
N THR B 302 10.66 -0.44 16.84
CA THR B 302 10.59 0.11 18.22
C THR B 302 11.15 -0.94 19.15
N PHE B 303 11.97 -0.55 20.12
CA PHE B 303 12.40 -1.47 21.20
C PHE B 303 11.91 -0.91 22.52
N LEU B 304 11.35 -1.79 23.35
CA LEU B 304 11.04 -1.40 24.75
C LEU B 304 11.96 -2.13 25.70
N MET B 305 12.56 -1.38 26.63
CA MET B 305 13.40 -1.93 27.69
C MET B 305 12.48 -2.12 28.92
N LEU B 306 12.31 -3.35 29.38
CA LEU B 306 11.27 -3.73 30.37
C LEU B 306 11.91 -4.25 31.64
N ARG B 307 11.21 -4.06 32.74
CA ARG B 307 11.65 -4.47 34.08
C ARG B 307 11.68 -6.00 34.16
N GLU B 308 10.71 -6.65 33.50
CA GLU B 308 10.56 -8.13 33.46
C GLU B 308 10.01 -8.58 32.11
N ALA B 309 10.16 -9.87 31.83
CA ALA B 309 9.69 -10.51 30.59
C ALA B 309 8.17 -10.40 30.51
N PRO B 310 7.59 -9.84 29.42
CA PRO B 310 6.15 -9.89 29.21
C PRO B 310 5.63 -11.16 28.51
N TRP B 311 6.53 -11.95 27.92
CA TRP B 311 6.26 -13.26 27.26
C TRP B 311 6.40 -14.37 28.32
N THR B 312 5.81 -15.53 28.07
CA THR B 312 5.82 -16.67 29.02
C THR B 312 6.54 -17.86 28.41
N ARG B 313 7.14 -17.69 27.22
CA ARG B 313 7.92 -18.77 26.58
C ARG B 313 9.24 -18.21 26.05
N GLY B 314 10.21 -19.10 25.90
CA GLY B 314 11.47 -18.89 25.17
C GLY B 314 11.27 -18.69 23.68
N SER B 315 12.22 -18.03 23.03
CA SER B 315 12.19 -17.79 21.55
C SER B 315 10.90 -17.09 21.14
N PHE B 316 10.43 -16.19 21.96
CA PHE B 316 9.14 -15.50 21.73
C PHE B 316 9.21 -14.57 20.50
N SER B 317 8.26 -14.77 19.60
CA SER B 317 7.91 -13.79 18.56
C SER B 317 6.47 -14.09 18.12
N ALA B 318 5.82 -13.08 17.58
CA ALA B 318 4.41 -13.19 17.16
C ALA B 318 4.08 -12.10 16.16
N TYR B 319 3.27 -12.49 15.17
CA TYR B 319 2.66 -11.57 14.19
C TYR B 319 1.27 -11.15 14.60
N SER B 320 0.87 -9.97 14.14
CA SER B 320 -0.53 -9.49 14.20
C SER B 320 -0.78 -8.51 13.05
N ASP B 321 -2.04 -8.21 12.70
CA ASP B 321 -2.46 -7.14 11.76
CA ASP B 321 -2.32 -7.12 11.74
C ASP B 321 -2.58 -5.80 12.49
N SER B 322 -2.43 -5.79 13.82
CA SER B 322 -2.54 -4.58 14.68
C SER B 322 -1.38 -3.63 14.36
N VAL B 323 -1.32 -2.47 15.02
CA VAL B 323 -0.26 -1.48 14.74
C VAL B 323 1.11 -2.10 15.04
N ALA B 324 1.20 -2.97 16.05
CA ALA B 324 2.40 -3.77 16.39
C ALA B 324 2.37 -5.09 15.59
N GLY B 325 2.91 -5.07 14.38
CA GLY B 325 2.78 -6.17 13.41
C GLY B 325 3.55 -7.41 13.81
N PHE B 326 4.76 -7.22 14.30
CA PHE B 326 5.63 -8.33 14.71
C PHE B 326 6.33 -7.93 16.01
N ILE B 327 6.15 -8.68 17.08
CA ILE B 327 6.84 -8.37 18.34
C ILE B 327 7.71 -9.58 18.69
N TYR B 328 8.78 -9.37 19.43
CA TYR B 328 9.74 -10.46 19.68
C TYR B 328 10.62 -10.15 20.89
N ASP B 329 11.06 -11.19 21.56
CA ASP B 329 12.15 -11.08 22.54
C ASP B 329 13.44 -10.77 21.76
N ALA B 330 13.91 -9.52 21.86
CA ALA B 330 15.02 -9.02 21.06
C ALA B 330 16.36 -9.03 21.85
N GLY B 331 16.35 -9.51 23.10
CA GLY B 331 17.52 -9.42 24.00
C GLY B 331 18.74 -10.04 23.37
N THR B 332 19.88 -9.39 23.51
CA THR B 332 21.19 -9.89 23.03
C THR B 332 22.09 -10.30 24.19
N LYS B 333 21.86 -9.77 25.39
CA LYS B 333 22.74 -10.05 26.52
C LYS B 333 22.07 -11.18 27.30
N ILE B 334 22.56 -12.42 27.23
CA ILE B 334 21.71 -13.58 27.68
C ILE B 334 21.44 -13.49 29.20
N ASN B 335 22.29 -12.85 29.97
CA ASN B 335 22.10 -12.78 31.45
C ASN B 335 21.62 -11.37 31.89
N SER B 336 21.02 -10.60 30.99
CA SER B 336 20.45 -9.25 31.23
C SER B 336 19.31 -9.30 32.24
N GLU B 337 19.27 -8.39 33.23
CA GLU B 337 18.08 -8.21 34.11
C GLU B 337 16.98 -7.53 33.30
N ASP B 338 17.30 -6.44 32.62
CA ASP B 338 16.33 -5.72 31.75
C ASP B 338 16.01 -6.64 30.56
N LYS B 339 14.74 -6.65 30.14
CA LYS B 339 14.29 -7.49 29.00
C LYS B 339 13.99 -6.58 27.84
N ILE B 340 14.22 -7.08 26.64
CA ILE B 340 14.07 -6.23 25.42
C ILE B 340 12.95 -6.77 24.55
N LEU B 341 11.92 -5.97 24.33
CA LEU B 341 10.81 -6.30 23.39
C LEU B 341 11.03 -5.47 22.11
N GLY B 342 11.20 -6.16 21.00
CA GLY B 342 11.33 -5.55 19.66
C GLY B 342 9.99 -5.56 18.97
N MET B 343 9.69 -4.52 18.23
CA MET B 343 8.47 -4.39 17.41
C MET B 343 8.88 -3.93 16.02
N ILE B 344 8.39 -4.63 15.00
CA ILE B 344 8.56 -4.29 13.56
C ILE B 344 7.17 -4.14 12.95
N SER B 345 6.91 -2.97 12.37
CA SER B 345 5.58 -2.59 11.86
C SER B 345 5.79 -2.09 10.44
N THR B 346 4.97 -2.54 9.52
CA THR B 346 5.22 -2.28 8.09
C THR B 346 3.99 -1.64 7.45
N GLY B 347 4.22 -1.02 6.29
CA GLY B 347 3.14 -0.43 5.49
C GLY B 347 2.66 0.85 6.09
N ASP B 348 1.35 1.06 6.15
CA ASP B 348 0.80 2.31 6.74
C ASP B 348 1.09 2.38 8.24
N ARG B 349 1.45 1.27 8.85
CA ARG B 349 1.83 1.26 10.28
C ARG B 349 3.06 2.15 10.51
N TYR B 350 3.93 2.29 9.51
CA TYR B 350 5.13 3.15 9.64
C TYR B 350 4.63 4.58 9.93
N ASP B 351 3.69 5.08 9.13
CA ASP B 351 3.18 6.46 9.29
C ASP B 351 2.36 6.59 10.60
N ILE B 352 1.62 5.56 10.99
CA ILE B 352 0.86 5.56 12.26
C ILE B 352 1.88 5.76 13.41
N LEU B 353 2.90 4.91 13.44
CA LEU B 353 3.98 4.98 14.46
C LEU B 353 4.80 6.26 14.38
N ALA B 354 5.17 6.75 13.20
CA ALA B 354 5.91 8.03 13.09
C ALA B 354 5.07 9.19 13.65
N SER B 355 3.75 9.07 13.67
CA SER B 355 2.85 10.14 14.21
C SER B 355 2.58 9.95 15.71
N SER B 356 2.93 8.78 16.28
CA SER B 356 2.51 8.29 17.62
C SER B 356 3.47 8.82 18.68
N THR B 357 2.95 9.09 19.89
CA THR B 357 3.83 9.37 21.05
C THR B 357 4.44 8.05 21.55
N ASP B 358 5.40 8.14 22.45
CA ASP B 358 5.99 6.96 23.10
C ASP B 358 4.92 6.22 23.91
N ALA B 359 4.01 6.93 24.58
CA ALA B 359 2.98 6.24 25.40
C ALA B 359 2.07 5.42 24.48
N MET B 360 1.75 5.95 23.29
CA MET B 360 0.91 5.28 22.27
C MET B 360 1.61 4.02 21.76
N LYS B 361 2.91 4.08 21.53
CA LYS B 361 3.64 2.90 21.02
C LYS B 361 3.60 1.81 22.07
N VAL B 362 3.84 2.19 23.32
CA VAL B 362 3.74 1.23 24.45
C VAL B 362 2.35 0.59 24.47
N GLU B 363 1.31 1.39 24.31
CA GLU B 363 -0.06 0.83 24.33
C GLU B 363 -0.27 -0.13 23.14
N TYR B 364 0.17 0.23 21.93
CA TYR B 364 0.00 -0.67 20.77
C TYR B 364 0.62 -2.03 21.12
N ILE B 365 1.79 -2.00 21.77
CA ILE B 365 2.53 -3.25 22.09
C ILE B 365 1.78 -3.98 23.19
N ARG B 366 1.26 -3.26 24.17
CA ARG B 366 0.52 -3.93 25.27
C ARG B 366 -0.75 -4.62 24.70
N LEU B 367 -1.49 -3.96 23.81
CA LEU B 367 -2.69 -4.54 23.15
C LEU B 367 -2.32 -5.83 22.39
N ALA B 368 -1.19 -5.87 21.66
CA ALA B 368 -0.73 -7.08 20.96
C ALA B 368 -0.48 -8.23 21.97
N LEU B 369 0.28 -7.95 23.04
CA LEU B 369 0.51 -8.93 24.13
C LEU B 369 -0.81 -9.38 24.78
N GLU B 370 -1.79 -8.49 24.90
CA GLU B 370 -3.12 -8.77 25.54
C GLU B 370 -3.88 -9.78 24.69
N SER B 371 -3.84 -9.64 23.37
CA SER B 371 -4.53 -10.57 22.44
C SER B 371 -3.87 -11.94 22.51
N LEU B 372 -2.60 -11.98 22.91
CA LEU B 372 -1.93 -13.28 23.09
C LEU B 372 -2.24 -13.83 24.48
N GLY B 373 -3.11 -13.15 25.23
CA GLY B 373 -3.35 -13.58 26.61
C GLY B 373 -2.28 -13.09 27.56
N GLN B 374 -1.90 -11.81 27.48
CA GLN B 374 -0.96 -11.21 28.46
C GLN B 374 -1.66 -9.97 29.01
N GLY B 375 -1.56 -8.83 28.33
CA GLY B 375 -2.35 -7.64 28.74
C GLY B 375 -1.80 -6.89 29.93
N ARG B 376 -1.08 -7.58 30.82
CA ARG B 376 -0.45 -6.93 31.99
C ARG B 376 0.20 -5.61 31.55
N GLU B 377 0.01 -4.57 32.35
CA GLU B 377 0.59 -3.24 32.04
C GLU B 377 2.11 -3.37 32.02
N LEU B 378 2.70 -3.38 30.84
CA LEU B 378 4.18 -3.50 30.67
C LEU B 378 4.91 -2.51 31.57
N GLN B 379 6.08 -2.92 32.09
CA GLN B 379 6.91 -2.03 32.92
C GLN B 379 8.03 -1.43 32.09
N VAL B 380 7.71 -0.39 31.31
CA VAL B 380 8.68 0.19 30.36
C VAL B 380 9.62 1.18 31.07
N LEU B 381 10.91 0.95 30.92
CA LEU B 381 12.00 1.76 31.52
CA LEU B 381 11.99 1.76 31.51
C LEU B 381 12.53 2.75 30.48
N ARG B 382 12.70 2.28 29.24
CA ARG B 382 13.28 3.09 28.15
C ARG B 382 12.65 2.63 26.82
N ILE B 383 12.80 3.50 25.83
CA ILE B 383 12.24 3.24 24.48
C ILE B 383 13.24 3.74 23.44
N GLN B 384 13.36 3.02 22.32
CA GLN B 384 14.17 3.47 21.15
C GLN B 384 13.33 3.21 19.89
N SER B 385 13.28 4.17 18.97
CA SER B 385 12.49 3.98 17.73
C SER B 385 13.28 4.42 16.51
N SER B 386 12.75 4.04 15.35
CA SER B 386 13.26 4.46 14.04
C SER B 386 13.38 5.98 13.97
N GLU B 387 14.39 6.41 13.22
CA GLU B 387 14.61 7.84 12.85
C GLU B 387 13.87 8.00 11.53
N THR B 388 13.10 9.06 11.36
CA THR B 388 12.18 9.20 10.21
C THR B 388 12.52 10.42 9.35
N SER B 389 13.54 11.20 9.70
CA SER B 389 13.72 12.56 9.14
C SER B 389 14.60 12.61 7.89
N GLN B 390 15.30 11.53 7.56
CA GLN B 390 16.29 11.61 6.43
C GLN B 390 15.97 10.58 5.35
N SER B 391 14.68 10.30 5.13
CA SER B 391 14.27 9.22 4.19
C SER B 391 14.54 9.61 2.73
N LYS B 392 14.78 10.89 2.43
CA LYS B 392 15.28 11.32 1.10
C LYS B 392 16.59 10.59 0.80
N PHE B 393 17.39 10.29 1.81
CA PHE B 393 18.73 9.72 1.59
C PHE B 393 18.72 8.25 1.99
N ILE B 394 18.10 7.92 3.10
CA ILE B 394 18.14 6.57 3.71
C ILE B 394 16.72 6.02 3.63
N PRO B 395 16.45 5.09 2.69
CA PRO B 395 15.13 4.54 2.53
C PRO B 395 14.53 3.96 3.82
N THR B 396 13.20 4.03 3.88
CA THR B 396 12.39 3.56 5.03
C THR B 396 12.33 2.02 5.05
N GLY B 397 12.77 1.34 4.01
CA GLY B 397 12.54 -0.10 3.81
C GLY B 397 13.44 -0.60 2.72
N ILE B 398 12.95 -1.53 1.90
CA ILE B 398 13.74 -2.09 0.79
C ILE B 398 13.06 -1.77 -0.51
N ALA B 399 13.84 -1.78 -1.58
CA ALA B 399 13.27 -1.66 -2.92
C ALA B 399 12.25 -2.77 -3.12
N THR B 400 11.03 -2.40 -3.50
CA THR B 400 9.95 -3.32 -3.93
C THR B 400 9.66 -3.06 -5.41
N PHE B 401 9.22 -4.12 -6.07
CA PHE B 401 9.10 -4.24 -7.53
C PHE B 401 7.63 -4.43 -7.86
N PRO B 402 6.93 -3.34 -8.22
CA PRO B 402 5.52 -3.45 -8.54
C PRO B 402 5.30 -4.12 -9.89
N PRO B 403 4.06 -4.49 -10.18
CA PRO B 403 3.77 -4.98 -11.52
C PRO B 403 4.32 -4.01 -12.56
N GLY B 404 4.91 -4.55 -13.62
CA GLY B 404 5.46 -3.83 -14.78
C GLY B 404 6.93 -3.51 -14.62
N SER B 405 7.55 -3.91 -13.52
CA SER B 405 8.95 -3.52 -13.21
C SER B 405 9.94 -4.58 -13.68
N TYR B 406 9.48 -5.56 -14.45
CA TYR B 406 10.35 -6.68 -14.90
C TYR B 406 11.60 -6.10 -15.57
N GLY B 407 12.78 -6.58 -15.21
CA GLY B 407 14.02 -6.10 -15.84
C GLY B 407 14.70 -4.97 -15.08
N SER B 408 14.09 -4.45 -14.03
CA SER B 408 14.54 -3.19 -13.38
C SER B 408 15.90 -3.41 -12.72
N ILE B 409 16.11 -4.54 -12.04
CA ILE B 409 17.41 -4.83 -11.37
C ILE B 409 18.53 -4.90 -12.42
N ILE B 410 18.30 -5.61 -13.51
CA ILE B 410 19.33 -5.67 -14.60
C ILE B 410 19.68 -4.26 -15.07
N SER B 411 18.67 -3.41 -15.32
CA SER B 411 18.86 -2.03 -15.85
C SER B 411 19.57 -1.16 -14.79
N LEU B 412 19.26 -1.34 -13.50
CA LEU B 412 19.86 -0.51 -12.42
C LEU B 412 21.32 -0.92 -12.19
N LEU B 413 21.64 -2.17 -12.43
CA LEU B 413 22.98 -2.76 -12.20
C LEU B 413 23.91 -2.35 -13.34
N LYS B 414 23.39 -2.20 -14.55
CA LYS B 414 24.21 -2.03 -15.77
C LYS B 414 25.19 -0.87 -15.64
N PRO B 415 26.50 -1.07 -15.87
CA PRO B 415 27.44 0.02 -15.78
C PRO B 415 27.24 1.07 -16.88
N MET B 416 27.74 2.27 -16.63
CA MET B 416 27.79 3.37 -17.60
C MET B 416 29.26 3.77 -17.73
N ASP B 417 29.98 3.05 -18.59
N ASP B 417 29.98 3.05 -18.59
CA ASP B 417 31.45 3.20 -18.79
CA ASP B 417 31.44 3.22 -18.79
C ASP B 417 32.13 3.01 -17.43
C ASP B 417 32.13 3.01 -17.44
N ARG B 418 32.66 4.07 -16.81
CA ARG B 418 33.43 3.89 -15.54
C ARG B 418 32.59 4.30 -14.33
N ILE B 419 31.27 4.38 -14.48
CA ILE B 419 30.32 4.49 -13.35
C ILE B 419 29.68 3.13 -13.19
N PHE B 420 29.91 2.51 -12.04
CA PHE B 420 29.34 1.19 -11.71
C PHE B 420 28.24 1.42 -10.66
N PHE B 421 27.32 0.46 -10.57
CA PHE B 421 26.12 0.60 -9.71
C PHE B 421 26.07 -0.58 -8.75
N ALA B 422 25.81 -0.29 -7.50
CA ALA B 422 25.67 -1.28 -6.42
C ALA B 422 24.54 -0.80 -5.51
N GLY B 423 24.39 -1.45 -4.38
CA GLY B 423 23.25 -1.25 -3.50
C GLY B 423 22.33 -2.44 -3.51
N GLU B 424 21.52 -2.58 -2.46
CA GLU B 424 20.66 -3.76 -2.24
C GLU B 424 19.73 -3.94 -3.45
N HIS B 425 19.36 -2.85 -4.12
CA HIS B 425 18.38 -2.90 -5.24
C HIS B 425 19.02 -3.41 -6.54
N THR B 426 20.34 -3.66 -6.57
CA THR B 426 21.05 -4.17 -7.77
C THR B 426 21.37 -5.66 -7.61
N ALA B 427 21.13 -6.24 -6.44
CA ALA B 427 21.64 -7.60 -6.08
C ALA B 427 20.71 -8.74 -6.49
N GLU B 428 21.29 -9.94 -6.55
CA GLU B 428 20.58 -11.24 -6.73
C GLU B 428 19.68 -11.45 -5.51
N LEU B 429 20.22 -11.29 -4.31
CA LEU B 429 19.42 -11.36 -3.07
C LEU B 429 19.09 -9.92 -2.69
N ASN B 430 18.29 -9.25 -3.52
CA ASN B 430 18.00 -7.82 -3.27
C ASN B 430 17.23 -7.69 -1.96
N GLY B 431 17.35 -6.52 -1.34
CA GLY B 431 16.63 -6.15 -0.13
C GLY B 431 17.18 -6.79 1.13
N THR B 432 18.45 -7.18 1.11
CA THR B 432 19.08 -7.85 2.28
C THR B 432 20.45 -7.21 2.49
N VAL B 433 21.01 -7.40 3.67
CA VAL B 433 22.41 -7.04 3.94
C VAL B 433 23.30 -7.90 3.01
N GLU B 434 22.99 -9.19 2.86
CA GLU B 434 23.75 -10.12 1.97
C GLU B 434 23.84 -9.47 0.57
N GLY B 435 22.71 -9.03 0.06
CA GLY B 435 22.64 -8.49 -1.30
C GLY B 435 23.43 -7.20 -1.40
N ALA B 436 23.29 -6.29 -0.44
CA ALA B 436 24.09 -5.05 -0.38
C ALA B 436 25.58 -5.37 -0.48
N LEU B 437 26.01 -6.39 0.26
CA LEU B 437 27.46 -6.73 0.30
C LEU B 437 27.85 -7.33 -1.03
N ALA B 438 27.07 -8.29 -1.54
CA ALA B 438 27.40 -8.98 -2.80
C ALA B 438 27.47 -7.93 -3.92
N SER B 439 26.62 -6.91 -3.85
CA SER B 439 26.60 -5.84 -4.91
C SER B 439 27.96 -5.14 -4.92
N ALA B 440 28.59 -4.95 -3.77
CA ALA B 440 29.85 -4.20 -3.69
C ALA B 440 30.97 -4.98 -4.42
N ILE B 441 31.04 -6.29 -4.18
CA ILE B 441 31.98 -7.22 -4.85
C ILE B 441 31.77 -7.17 -6.35
N ARG B 442 30.52 -7.19 -6.81
CA ARG B 442 30.20 -7.27 -8.25
C ARG B 442 30.73 -5.97 -8.90
N ALA B 443 30.60 -4.84 -8.23
CA ALA B 443 30.99 -3.54 -8.82
C ALA B 443 32.53 -3.42 -8.76
N VAL B 444 33.15 -3.74 -7.62
CA VAL B 444 34.61 -3.57 -7.47
C VAL B 444 35.34 -4.48 -8.46
N ASN B 445 34.78 -5.64 -8.77
CA ASN B 445 35.47 -6.61 -9.66
C ASN B 445 35.54 -6.06 -11.09
N GLN B 446 34.80 -5.01 -11.43
CA GLN B 446 34.86 -4.34 -12.76
C GLN B 446 35.83 -3.15 -12.79
N VAL B 447 36.25 -2.68 -11.61
CA VAL B 447 37.47 -1.84 -11.33
C VAL B 447 36.98 -0.49 -10.77
#